data_4RHQ
#
_entry.id   4RHQ
#
_cell.length_a   83.184
_cell.length_b   138.060
_cell.length_c   90.937
_cell.angle_alpha   90.00
_cell.angle_beta   101.98
_cell.angle_gamma   90.00
#
_symmetry.space_group_name_H-M   'C 1 2 1'
#
loop_
_entity.id
_entity.type
_entity.pdbx_description
1 polymer Arginase
2 non-polymer GLYCEROL
3 non-polymer 1,2-ETHANEDIOL
4 water water
#
_entity_poly.entity_id   1
_entity_poly.type   'polypeptide(L)'
_entity_poly.pdbx_seq_one_letter_code
;MGSSHHHHHHSSGLVPRGSHMFSKFLMNVKGVTPRGSDWANRLGPVALFGYGAGMPRRAPLLDFFLQSPRDCDHYAELTI
HDKGPIECPPETVMFMPVLNCGQMLDEAAGTETPTSDEWYLGSLEASTELLEKGYVPVSVGGDGSATLSMVEAYKRLFPS
DDIVIVHFDARPDVSDPRSPLRVLLDKGLLKGVVSVGNRQVSSEDRKVRKLHKMFYMDMHAIYSKGLFCIRDIRNDYPVF
ISIDASVLDPAFAPAVDSPVAGGLSTRDLLHIMNGIRGPKVVGIDVYGYNPDLDVYRKDNVGLTAIALSKIIKEGILKAY
SISTHTEEEGMERVKMLQRQGTVSENPYPDH
;
_entity_poly.pdbx_strand_id   A,B,C
#
loop_
_chem_comp.id
_chem_comp.type
_chem_comp.name
_chem_comp.formula
EDO non-polymer 1,2-ETHANEDIOL 'C2 H6 O2'
GOL non-polymer GLYCEROL 'C3 H8 O3'
#
# COMPACT_ATOMS: atom_id res chain seq x y z
N SER A 19 19.89 -33.96 13.18
CA SER A 19 19.83 -34.03 11.73
C SER A 19 21.16 -33.61 11.10
N HIS A 20 21.63 -34.42 10.15
CA HIS A 20 22.89 -34.15 9.47
C HIS A 20 22.82 -32.93 8.57
N MET A 21 21.59 -32.45 8.33
CA MET A 21 21.37 -31.25 7.53
C MET A 21 21.78 -29.99 8.28
N PHE A 22 21.80 -30.08 9.62
CA PHE A 22 22.09 -28.91 10.45
C PHE A 22 23.49 -28.95 11.06
N SER A 23 24.24 -30.01 10.77
CA SER A 23 25.53 -30.24 11.41
C SER A 23 26.53 -29.11 11.17
N LYS A 24 26.75 -28.76 9.89
CA LYS A 24 27.72 -27.73 9.55
C LYS A 24 27.36 -26.40 10.18
N PHE A 25 26.07 -26.09 10.21
CA PHE A 25 25.58 -24.87 10.86
C PHE A 25 25.88 -24.89 12.34
N LEU A 26 25.44 -25.95 13.02
CA LEU A 26 25.61 -26.08 14.46
C LEU A 26 27.07 -26.17 14.84
N MET A 27 27.88 -26.79 13.97
CA MET A 27 29.31 -26.88 14.14
C MET A 27 29.92 -25.48 14.31
N ASN A 28 29.50 -24.57 13.44
CA ASN A 28 29.99 -23.21 13.44
C ASN A 28 29.44 -22.39 14.60
N VAL A 29 28.20 -22.68 14.99
CA VAL A 29 27.53 -21.93 16.05
C VAL A 29 28.14 -22.16 17.43
N LYS A 30 28.37 -23.41 17.81
CA LYS A 30 28.96 -23.68 19.12
C LYS A 30 30.47 -23.48 19.10
N GLY A 31 31.00 -23.02 17.96
CA GLY A 31 32.39 -22.62 17.88
C GLY A 31 32.53 -21.12 17.99
N VAL A 32 31.40 -20.45 18.20
CA VAL A 32 31.38 -19.00 18.30
C VAL A 32 32.01 -18.50 19.60
N THR A 33 32.90 -17.53 19.47
CA THR A 33 33.54 -16.90 20.62
C THR A 33 32.51 -16.17 21.48
N PRO A 34 32.55 -16.41 22.80
CA PRO A 34 31.60 -15.81 23.74
C PRO A 34 31.64 -14.29 23.75
N ARG A 35 30.57 -13.69 24.26
CA ARG A 35 30.47 -12.24 24.41
C ARG A 35 31.60 -11.68 25.26
N GLY A 36 32.43 -10.84 24.64
CA GLY A 36 33.60 -10.29 25.30
C GLY A 36 33.30 -9.47 26.54
N SER A 37 34.34 -9.18 27.31
CA SER A 37 34.19 -8.44 28.55
C SER A 37 33.91 -6.96 28.32
N ASP A 38 34.21 -6.50 27.11
CA ASP A 38 33.91 -5.14 26.72
C ASP A 38 32.43 -4.82 26.63
N TRP A 39 31.63 -5.83 26.40
CA TRP A 39 30.21 -5.62 26.29
C TRP A 39 29.62 -5.24 27.62
N ALA A 40 30.38 -5.45 28.68
CA ALA A 40 30.15 -4.75 29.92
C ALA A 40 28.75 -5.06 30.36
N ASN A 41 27.92 -4.05 30.55
CA ASN A 41 26.53 -4.29 30.64
C ASN A 41 25.98 -3.44 29.55
N ARG A 42 26.25 -3.87 28.33
CA ARG A 42 25.72 -3.23 27.13
C ARG A 42 24.70 -4.19 26.52
N LEU A 43 23.71 -3.66 25.81
CA LEU A 43 22.76 -4.52 25.12
C LEU A 43 23.42 -5.15 23.89
N GLY A 44 23.13 -6.42 23.65
CA GLY A 44 23.75 -7.12 22.53
C GLY A 44 24.96 -7.92 22.95
N PRO A 45 25.72 -8.44 21.98
CA PRO A 45 25.50 -8.28 20.54
C PRO A 45 24.42 -9.20 19.99
N VAL A 46 24.19 -9.13 18.67
CA VAL A 46 23.14 -9.90 18.03
C VAL A 46 23.69 -10.97 17.10
N ALA A 47 23.12 -12.17 17.19
CA ALA A 47 23.45 -13.26 16.29
C ALA A 47 22.26 -13.55 15.39
N LEU A 48 22.53 -13.88 14.13
CA LEU A 48 21.50 -14.02 13.11
C LEU A 48 21.62 -15.35 12.37
N PHE A 49 20.51 -16.09 12.27
CA PHE A 49 20.52 -17.34 11.53
C PHE A 49 19.25 -17.57 10.71
N GLY A 50 19.38 -18.39 9.67
CA GLY A 50 18.28 -18.70 8.78
C GLY A 50 17.52 -19.95 9.19
N TYR A 51 16.21 -19.80 9.33
CA TYR A 51 15.32 -20.87 9.77
C TYR A 51 14.30 -21.17 8.66
N GLY A 52 14.09 -22.43 8.32
CA GLY A 52 13.25 -22.75 7.18
C GLY A 52 12.20 -23.82 7.38
N ALA A 53 11.74 -24.00 8.62
CA ALA A 53 10.74 -25.01 8.94
C ALA A 53 9.36 -24.66 8.41
N GLY A 54 8.70 -25.61 7.76
CA GLY A 54 7.34 -25.44 7.29
C GLY A 54 7.23 -24.67 5.99
N MET A 55 8.38 -24.26 5.45
CA MET A 55 8.41 -23.48 4.21
C MET A 55 9.21 -24.25 3.15
N PRO A 56 9.03 -23.89 1.87
CA PRO A 56 9.81 -24.51 0.79
C PRO A 56 11.32 -24.53 1.06
N ARG A 57 12.00 -25.52 0.48
CA ARG A 57 13.41 -25.75 0.74
C ARG A 57 14.25 -24.53 0.40
N ARG A 58 13.98 -23.92 -0.75
CA ARG A 58 14.68 -22.69 -1.11
C ARG A 58 14.15 -21.53 -0.28
N ALA A 59 15.03 -20.96 0.53
CA ALA A 59 14.66 -19.89 1.45
C ALA A 59 15.64 -18.74 1.33
N PRO A 60 15.29 -17.74 0.51
CA PRO A 60 16.20 -16.67 0.09
C PRO A 60 16.17 -15.42 0.97
N LEU A 61 15.34 -15.40 2.01
CA LEU A 61 15.17 -14.18 2.81
C LEU A 61 16.45 -13.72 3.49
N LEU A 62 17.20 -14.65 4.08
CA LEU A 62 18.42 -14.29 4.80
C LEU A 62 19.45 -13.65 3.87
N ASP A 63 19.64 -14.27 2.70
CA ASP A 63 20.59 -13.75 1.72
C ASP A 63 20.19 -12.35 1.24
N PHE A 64 18.90 -12.15 1.06
CA PHE A 64 18.42 -10.86 0.60
C PHE A 64 18.66 -9.78 1.65
N PHE A 65 18.47 -10.13 2.92
CA PHE A 65 18.73 -9.17 3.99
C PHE A 65 20.22 -8.80 4.05
N LEU A 66 21.08 -9.80 3.89
CA LEU A 66 22.52 -9.59 3.99
C LEU A 66 23.08 -8.69 2.89
N GLN A 67 22.34 -8.58 1.77
CA GLN A 67 22.79 -7.72 0.68
C GLN A 67 22.11 -6.35 0.71
N SER A 68 21.19 -6.17 1.65
CA SER A 68 20.46 -4.91 1.80
C SER A 68 21.32 -3.83 2.47
N PRO A 69 20.97 -2.55 2.25
CA PRO A 69 21.67 -1.43 2.90
C PRO A 69 21.65 -1.55 4.43
N ARG A 70 22.70 -1.07 5.08
CA ARG A 70 22.85 -1.29 6.50
C ARG A 70 22.49 -0.09 7.38
N ASP A 71 22.19 1.04 6.76
CA ASP A 71 21.76 2.23 7.52
C ASP A 71 20.28 2.11 7.91
N CYS A 72 19.97 2.44 9.18
CA CYS A 72 18.62 2.31 9.71
C CYS A 72 17.84 3.61 9.68
N ASP A 73 16.57 3.54 10.10
CA ASP A 73 15.73 4.72 10.25
C ASP A 73 16.32 5.72 11.25
N HIS A 74 16.95 5.18 12.29
CA HIS A 74 17.37 6.00 13.43
C HIS A 74 18.86 6.25 13.50
N TYR A 75 19.48 6.40 12.33
CA TYR A 75 20.86 6.88 12.23
C TYR A 75 21.86 6.00 12.96
N ALA A 76 21.68 4.70 12.80
CA ALA A 76 22.65 3.74 13.24
C ALA A 76 22.98 2.84 12.05
N GLU A 77 24.08 2.10 12.14
CA GLU A 77 24.49 1.27 11.02
C GLU A 77 24.78 -0.16 11.45
N LEU A 78 24.17 -1.12 10.75
CA LEU A 78 24.47 -2.53 10.99
C LEU A 78 25.86 -2.85 10.45
N THR A 79 26.61 -3.66 11.20
CA THR A 79 27.86 -4.20 10.69
C THR A 79 27.78 -5.73 10.79
N ILE A 80 27.96 -6.40 9.66
CA ILE A 80 27.78 -7.85 9.60
C ILE A 80 29.12 -8.57 9.63
N HIS A 81 29.22 -9.58 10.48
CA HIS A 81 30.46 -10.34 10.63
C HIS A 81 30.16 -11.83 10.58
N ASP A 82 31.02 -12.60 9.92
CA ASP A 82 30.80 -14.03 9.80
C ASP A 82 31.52 -14.84 10.87
N LYS A 83 32.35 -14.16 11.66
CA LYS A 83 33.05 -14.81 12.76
C LYS A 83 33.50 -13.80 13.80
N GLY A 84 33.68 -14.28 15.03
CA GLY A 84 34.10 -13.42 16.13
C GLY A 84 35.59 -13.20 16.17
N PRO A 85 36.08 -12.53 17.22
CA PRO A 85 35.28 -11.93 18.31
C PRO A 85 34.55 -10.66 17.87
N ILE A 86 33.37 -10.45 18.42
CA ILE A 86 32.58 -9.26 18.10
C ILE A 86 33.02 -8.08 18.96
N GLU A 87 33.78 -7.17 18.35
CA GLU A 87 34.26 -5.98 19.04
C GLU A 87 33.13 -5.05 19.41
N CYS A 88 33.08 -4.63 20.67
CA CYS A 88 32.07 -3.68 21.10
C CYS A 88 32.46 -2.27 20.67
N PRO A 89 31.60 -1.60 19.87
CA PRO A 89 31.89 -0.27 19.34
C PRO A 89 31.84 0.81 20.42
N PRO A 90 32.66 1.87 20.28
CA PRO A 90 32.74 2.99 21.21
C PRO A 90 31.42 3.75 21.35
N GLU A 91 31.36 4.62 22.36
CA GLU A 91 30.18 5.41 22.68
C GLU A 91 29.67 6.23 21.49
N THR A 92 30.61 6.87 20.81
CA THR A 92 30.30 7.84 19.75
C THR A 92 30.14 7.19 18.38
N VAL A 93 30.48 5.91 18.28
CA VAL A 93 30.33 5.17 17.03
C VAL A 93 29.02 4.40 17.00
N MET A 94 28.10 4.82 16.13
CA MET A 94 26.78 4.23 16.05
C MET A 94 26.75 2.94 15.23
N PHE A 95 27.55 1.96 15.64
CA PHE A 95 27.58 0.66 14.98
C PHE A 95 26.71 -0.34 15.73
N MET A 96 26.10 -1.26 14.99
CA MET A 96 25.34 -2.34 15.59
C MET A 96 25.77 -3.67 14.99
N PRO A 97 26.73 -4.33 15.64
CA PRO A 97 27.33 -5.58 15.17
C PRO A 97 26.33 -6.72 15.06
N VAL A 98 26.40 -7.46 13.96
CA VAL A 98 25.56 -8.63 13.79
C VAL A 98 26.44 -9.82 13.41
N LEU A 99 26.34 -10.89 14.18
CA LEU A 99 27.05 -12.11 13.88
C LEU A 99 26.21 -13.01 12.98
N ASN A 100 26.58 -13.07 11.71
CA ASN A 100 25.88 -13.91 10.75
C ASN A 100 26.26 -15.37 10.92
N CYS A 101 25.30 -16.19 11.34
CA CYS A 101 25.52 -17.62 11.52
C CYS A 101 25.01 -18.40 10.32
N GLY A 102 24.45 -17.69 9.35
CA GLY A 102 24.04 -18.30 8.10
C GLY A 102 22.78 -19.13 8.19
N GLN A 103 22.56 -19.98 7.19
CA GLN A 103 21.38 -20.83 7.15
C GLN A 103 21.56 -22.07 8.02
N MET A 104 20.48 -22.48 8.69
CA MET A 104 20.52 -23.67 9.51
C MET A 104 20.66 -24.91 8.62
N LEU A 105 19.83 -24.97 7.59
CA LEU A 105 19.87 -26.10 6.67
C LEU A 105 20.98 -25.94 5.64
N ASP A 106 21.85 -26.94 5.55
CA ASP A 106 22.92 -26.93 4.56
C ASP A 106 22.42 -27.48 3.23
N GLU A 107 22.44 -26.63 2.20
CA GLU A 107 21.78 -26.95 0.94
C GLU A 107 22.51 -27.98 0.10
N ALA A 108 23.55 -28.60 0.65
CA ALA A 108 24.34 -29.58 -0.11
C ALA A 108 24.81 -30.73 0.77
N ALA A 109 24.02 -31.06 1.79
CA ALA A 109 24.37 -32.17 2.67
C ALA A 109 23.37 -33.31 2.48
N GLY A 110 22.62 -33.24 1.39
CA GLY A 110 21.64 -34.27 1.09
C GLY A 110 20.32 -33.66 0.66
N THR A 111 19.45 -34.48 0.10
CA THR A 111 18.13 -34.01 -0.35
C THR A 111 17.07 -34.21 0.73
N GLU A 112 17.50 -34.62 1.92
CA GLU A 112 16.56 -34.94 2.99
C GLU A 112 15.85 -33.69 3.52
N THR A 113 14.56 -33.83 3.77
CA THR A 113 13.74 -32.76 4.33
C THR A 113 13.58 -32.94 5.83
N PRO A 114 14.19 -32.05 6.63
CA PRO A 114 14.12 -32.12 8.10
C PRO A 114 12.69 -32.14 8.62
N THR A 115 12.44 -32.96 9.62
CA THR A 115 11.12 -33.05 10.22
C THR A 115 10.86 -31.87 11.13
N SER A 116 9.62 -31.74 11.61
CA SER A 116 9.26 -30.68 12.54
C SER A 116 10.07 -30.79 13.83
N ASP A 117 10.24 -32.03 14.29
CA ASP A 117 10.99 -32.29 15.51
C ASP A 117 12.47 -31.96 15.34
N GLU A 118 13.01 -32.26 14.16
CA GLU A 118 14.41 -31.96 13.87
C GLU A 118 14.65 -30.47 13.78
N TRP A 119 13.71 -29.73 13.19
CA TRP A 119 13.79 -28.27 13.13
C TRP A 119 13.73 -27.69 14.53
N TYR A 120 12.84 -28.24 15.35
CA TYR A 120 12.68 -27.79 16.73
C TYR A 120 13.98 -27.98 17.52
N LEU A 121 14.51 -29.20 17.48
CA LEU A 121 15.74 -29.53 18.21
C LEU A 121 16.93 -28.71 17.72
N GLY A 122 17.01 -28.52 16.41
CA GLY A 122 18.09 -27.73 15.83
C GLY A 122 18.02 -26.28 16.24
N SER A 123 16.81 -25.74 16.27
CA SER A 123 16.58 -24.35 16.67
C SER A 123 16.83 -24.17 18.15
N LEU A 124 16.37 -25.13 18.95
CA LEU A 124 16.54 -25.11 20.40
C LEU A 124 18.02 -25.11 20.77
N GLU A 125 18.79 -25.95 20.09
CA GLU A 125 20.23 -26.06 20.38
C GLU A 125 20.97 -24.79 19.97
N ALA A 126 20.66 -24.27 18.79
CA ALA A 126 21.30 -23.06 18.29
C ALA A 126 20.99 -21.86 19.17
N SER A 127 19.72 -21.73 19.56
CA SER A 127 19.29 -20.64 20.42
C SER A 127 19.96 -20.71 21.78
N THR A 128 19.95 -21.90 22.38
CA THR A 128 20.58 -22.13 23.67
C THR A 128 22.05 -21.74 23.64
N GLU A 129 22.74 -22.22 22.62
CA GLU A 129 24.16 -21.96 22.45
C GLU A 129 24.44 -20.47 22.35
N LEU A 130 23.70 -19.78 21.48
CA LEU A 130 23.90 -18.35 21.27
C LEU A 130 23.57 -17.52 22.52
N LEU A 131 22.52 -17.90 23.23
CA LEU A 131 22.07 -17.16 24.41
C LEU A 131 23.08 -17.24 25.55
N GLU A 132 23.64 -18.41 25.77
CA GLU A 132 24.61 -18.59 26.85
C GLU A 132 25.98 -18.06 26.47
N LYS A 133 26.12 -17.64 25.22
CA LYS A 133 27.34 -16.98 24.78
C LYS A 133 27.15 -15.46 24.77
N GLY A 134 26.00 -15.02 25.29
CA GLY A 134 25.74 -13.60 25.47
C GLY A 134 25.10 -12.89 24.28
N TYR A 135 24.68 -13.67 23.27
CA TYR A 135 24.08 -13.08 22.07
C TYR A 135 22.56 -13.03 22.14
N VAL A 136 21.97 -12.02 21.52
CA VAL A 136 20.53 -11.99 21.30
C VAL A 136 20.22 -12.64 19.96
N PRO A 137 19.49 -13.77 19.99
CA PRO A 137 19.22 -14.55 18.78
C PRO A 137 18.10 -13.97 17.92
N VAL A 138 18.35 -13.86 16.61
CA VAL A 138 17.34 -13.40 15.67
C VAL A 138 17.14 -14.46 14.60
N SER A 139 15.92 -14.99 14.51
CA SER A 139 15.61 -16.05 13.56
C SER A 139 14.82 -15.50 12.39
N VAL A 140 15.20 -15.92 11.18
CA VAL A 140 14.60 -15.38 9.96
C VAL A 140 14.09 -16.49 9.06
N GLY A 141 12.79 -16.47 8.77
CA GLY A 141 12.18 -17.47 7.91
C GLY A 141 11.38 -18.49 8.71
N GLY A 142 11.04 -19.60 8.08
CA GLY A 142 10.29 -20.65 8.75
C GLY A 142 8.81 -20.34 8.89
N ASP A 143 8.12 -21.09 9.75
CA ASP A 143 6.67 -20.99 9.87
C ASP A 143 6.20 -20.41 11.20
N GLY A 144 7.15 -19.98 12.03
CA GLY A 144 6.81 -19.39 13.31
C GLY A 144 7.10 -20.33 14.47
N SER A 145 7.52 -21.55 14.14
CA SER A 145 7.81 -22.57 15.15
C SER A 145 9.07 -22.22 15.93
N ALA A 146 9.89 -21.33 15.36
CA ALA A 146 11.11 -20.88 16.02
C ALA A 146 10.78 -20.12 17.30
N THR A 147 9.63 -19.46 17.33
CA THR A 147 9.20 -18.71 18.51
C THR A 147 9.10 -19.64 19.72
N LEU A 148 8.59 -20.85 19.48
CA LEU A 148 8.47 -21.84 20.53
C LEU A 148 9.84 -22.27 21.07
N SER A 149 10.71 -22.70 20.17
CA SER A 149 12.01 -23.24 20.58
C SER A 149 12.95 -22.18 21.15
N MET A 150 12.82 -20.94 20.70
CA MET A 150 13.69 -19.87 21.18
C MET A 150 13.28 -19.41 22.58
N VAL A 151 11.98 -19.28 22.81
CA VAL A 151 11.50 -18.87 24.12
C VAL A 151 11.77 -19.97 25.14
N GLU A 152 11.68 -21.23 24.70
CA GLU A 152 12.00 -22.35 25.57
C GLU A 152 13.49 -22.41 25.89
N ALA A 153 14.32 -22.07 24.90
CA ALA A 153 15.76 -22.05 25.10
C ALA A 153 16.14 -21.02 26.15
N TYR A 154 15.49 -19.86 26.09
CA TYR A 154 15.74 -18.79 27.05
C TYR A 154 15.22 -19.16 28.43
N LYS A 155 14.06 -19.81 28.48
CA LYS A 155 13.46 -20.19 29.74
C LYS A 155 14.26 -21.29 30.44
N ARG A 156 14.90 -22.13 29.63
CA ARG A 156 15.79 -23.17 30.16
C ARG A 156 16.97 -22.57 30.90
N LEU A 157 17.58 -21.56 30.30
CA LEU A 157 18.79 -20.94 30.84
C LEU A 157 18.49 -19.97 31.97
N PHE A 158 17.39 -19.24 31.87
CA PHE A 158 17.03 -18.26 32.88
C PHE A 158 15.60 -18.45 33.37
N PRO A 159 15.39 -19.46 34.24
CA PRO A 159 14.06 -19.83 34.73
C PRO A 159 13.37 -18.72 35.54
N SER A 160 14.15 -17.88 36.20
CA SER A 160 13.60 -16.85 37.06
C SER A 160 13.04 -15.67 36.27
N ASP A 161 13.57 -15.46 35.05
CA ASP A 161 13.13 -14.35 34.22
C ASP A 161 11.70 -14.52 33.73
N ASP A 162 10.93 -13.44 33.79
CA ASP A 162 9.57 -13.43 33.27
C ASP A 162 9.58 -12.96 31.82
N ILE A 163 8.89 -13.67 30.94
CA ILE A 163 8.90 -13.37 29.52
C ILE A 163 7.55 -12.92 28.99
N VAL A 164 7.55 -11.83 28.24
CA VAL A 164 6.36 -11.38 27.54
C VAL A 164 6.61 -11.37 26.03
N ILE A 165 5.67 -11.88 25.26
CA ILE A 165 5.81 -11.91 23.81
C ILE A 165 4.95 -10.83 23.15
N VAL A 166 5.56 -10.06 22.26
CA VAL A 166 4.82 -9.15 21.39
C VAL A 166 4.66 -9.83 20.05
N HIS A 167 3.42 -10.18 19.71
CA HIS A 167 3.15 -11.04 18.56
C HIS A 167 2.40 -10.31 17.46
N PHE A 168 3.09 -10.01 16.36
CA PHE A 168 2.45 -9.40 15.21
C PHE A 168 1.92 -10.47 14.26
N ASP A 169 0.61 -10.44 14.00
CA ASP A 169 -0.04 -11.48 13.20
C ASP A 169 -1.45 -11.06 12.77
N ALA A 170 -1.86 -11.54 11.61
CA ALA A 170 -3.23 -11.33 11.14
C ALA A 170 -4.18 -12.19 11.98
N ARG A 171 -3.66 -13.26 12.54
CA ARG A 171 -4.44 -14.16 13.34
C ARG A 171 -3.89 -14.31 14.74
N PRO A 172 -4.75 -14.52 15.73
CA PRO A 172 -4.35 -14.87 17.09
C PRO A 172 -3.44 -16.10 17.06
N ASP A 173 -3.82 -17.07 16.23
CA ASP A 173 -3.06 -18.31 16.04
C ASP A 173 -2.84 -19.05 17.36
N VAL A 174 -3.88 -19.15 18.17
CA VAL A 174 -3.79 -19.85 19.45
C VAL A 174 -4.95 -20.83 19.65
N SER A 175 -5.77 -20.99 18.61
CA SER A 175 -6.91 -21.90 18.70
C SER A 175 -6.46 -23.35 18.53
N ASP A 176 -5.36 -23.54 17.82
CA ASP A 176 -4.78 -24.87 17.65
C ASP A 176 -3.85 -25.16 18.81
N PRO A 177 -4.08 -26.29 19.52
CA PRO A 177 -3.23 -26.69 20.64
C PRO A 177 -1.77 -26.94 20.24
N ARG A 178 -1.50 -27.07 18.94
CA ARG A 178 -0.15 -27.34 18.46
C ARG A 178 0.61 -26.08 18.04
N SER A 179 -0.09 -24.96 17.91
CA SER A 179 0.55 -23.72 17.51
C SER A 179 1.53 -23.27 18.60
N PRO A 180 2.69 -22.74 18.19
CA PRO A 180 3.80 -22.35 19.08
C PRO A 180 3.38 -21.46 20.24
N LEU A 181 2.51 -20.50 19.98
CA LEU A 181 2.07 -19.56 21.01
C LEU A 181 1.14 -20.25 22.01
N ARG A 182 0.35 -21.19 21.55
CA ARG A 182 -0.56 -21.94 22.41
C ARG A 182 0.21 -22.89 23.33
N VAL A 183 1.21 -23.56 22.76
CA VAL A 183 2.06 -24.46 23.52
C VAL A 183 2.77 -23.73 24.65
N LEU A 184 3.34 -22.57 24.34
CA LEU A 184 4.02 -21.74 25.33
C LEU A 184 3.08 -21.29 26.45
N LEU A 185 1.82 -21.02 26.09
CA LEU A 185 0.83 -20.60 27.07
C LEU A 185 0.33 -21.77 27.91
N ASP A 186 0.25 -22.94 27.30
CA ASP A 186 -0.20 -24.14 27.99
C ASP A 186 0.85 -24.65 28.96
N LYS A 187 2.12 -24.49 28.59
CA LYS A 187 3.23 -24.89 29.46
C LYS A 187 3.51 -23.84 30.53
N GLY A 188 2.81 -22.71 30.46
CA GLY A 188 2.96 -21.65 31.44
C GLY A 188 4.36 -21.06 31.50
N LEU A 189 4.94 -20.82 30.33
CA LEU A 189 6.27 -20.24 30.25
C LEU A 189 6.22 -18.73 30.00
N LEU A 190 5.00 -18.22 29.82
CA LEU A 190 4.81 -16.83 29.44
C LEU A 190 4.18 -16.00 30.55
N LYS A 191 4.79 -14.85 30.84
CA LYS A 191 4.25 -13.89 31.80
C LYS A 191 3.05 -13.16 31.18
N GLY A 192 3.16 -12.85 29.89
CA GLY A 192 2.09 -12.15 29.19
C GLY A 192 2.25 -12.16 27.68
N VAL A 193 1.16 -11.93 26.97
CA VAL A 193 1.19 -11.87 25.51
C VAL A 193 0.46 -10.64 24.98
N VAL A 194 1.09 -9.92 24.06
CA VAL A 194 0.45 -8.81 23.39
C VAL A 194 0.32 -9.10 21.90
N SER A 195 -0.90 -9.39 21.46
CA SER A 195 -1.18 -9.63 20.04
C SER A 195 -1.47 -8.32 19.32
N VAL A 196 -0.81 -8.11 18.19
CA VAL A 196 -1.00 -6.88 17.43
C VAL A 196 -1.44 -7.15 16.00
N GLY A 197 -2.50 -6.47 15.57
CA GLY A 197 -2.88 -6.48 14.17
C GLY A 197 -3.81 -7.61 13.74
N ASN A 198 -4.34 -8.36 14.71
CA ASN A 198 -5.27 -9.44 14.39
C ASN A 198 -6.50 -8.90 13.66
N ARG A 199 -6.98 -9.64 12.67
CA ARG A 199 -8.18 -9.23 11.95
C ARG A 199 -8.94 -10.45 11.42
N GLN A 200 -8.56 -11.63 11.93
CA GLN A 200 -9.29 -12.87 11.65
C GLN A 200 -9.40 -13.66 12.94
N VAL A 201 -10.21 -13.16 13.86
CA VAL A 201 -10.36 -13.76 15.18
C VAL A 201 -11.56 -14.70 15.22
N SER A 202 -11.31 -15.96 15.58
CA SER A 202 -12.37 -16.95 15.67
C SER A 202 -12.93 -17.01 17.09
N SER A 203 -14.06 -17.72 17.25
CA SER A 203 -14.65 -17.89 18.57
C SER A 203 -13.71 -18.67 19.47
N GLU A 204 -13.03 -19.66 18.90
CA GLU A 204 -12.04 -20.44 19.64
C GLU A 204 -10.87 -19.57 20.08
N ASP A 205 -10.49 -18.62 19.23
CA ASP A 205 -9.44 -17.65 19.58
C ASP A 205 -9.88 -16.80 20.77
N ARG A 206 -11.14 -16.39 20.77
CA ARG A 206 -11.67 -15.54 21.83
C ARG A 206 -11.67 -16.24 23.18
N LYS A 207 -11.89 -17.54 23.18
CA LYS A 207 -11.89 -18.32 24.41
C LYS A 207 -10.49 -18.42 25.01
N VAL A 208 -9.51 -18.67 24.16
CA VAL A 208 -8.12 -18.77 24.59
C VAL A 208 -7.62 -17.41 25.05
N ARG A 209 -8.07 -16.36 24.39
CA ARG A 209 -7.71 -14.99 24.76
C ARG A 209 -8.13 -14.70 26.20
N LYS A 210 -9.40 -14.93 26.50
CA LYS A 210 -9.93 -14.65 27.82
C LYS A 210 -9.35 -15.57 28.88
N LEU A 211 -9.13 -16.83 28.52
CA LEU A 211 -8.64 -17.82 29.46
C LEU A 211 -7.21 -17.52 29.90
N HIS A 212 -6.39 -17.03 28.98
CA HIS A 212 -4.99 -16.75 29.27
C HIS A 212 -4.72 -15.26 29.47
N LYS A 213 -5.78 -14.47 29.58
CA LYS A 213 -5.68 -13.02 29.80
C LYS A 213 -4.78 -12.35 28.77
N MET A 214 -4.91 -12.74 27.51
CA MET A 214 -4.10 -12.17 26.45
C MET A 214 -4.53 -10.74 26.12
N PHE A 215 -3.56 -9.84 26.04
CA PHE A 215 -3.82 -8.48 25.58
C PHE A 215 -3.70 -8.42 24.06
N TYR A 216 -4.64 -7.75 23.41
CA TYR A 216 -4.63 -7.70 21.95
C TYR A 216 -4.98 -6.32 21.40
N MET A 217 -4.42 -6.03 20.22
CA MET A 217 -4.67 -4.77 19.53
C MET A 217 -5.02 -5.01 18.07
N ASP A 218 -6.30 -5.33 17.81
CA ASP A 218 -6.77 -5.69 16.48
C ASP A 218 -6.72 -4.52 15.50
N MET A 219 -6.61 -4.85 14.21
CA MET A 219 -6.46 -3.85 13.15
C MET A 219 -7.49 -2.74 13.21
N HIS A 220 -8.77 -3.10 13.19
CA HIS A 220 -9.85 -2.12 13.14
C HIS A 220 -9.79 -1.18 14.34
N ALA A 221 -9.37 -1.73 15.48
CA ALA A 221 -9.30 -0.97 16.71
C ALA A 221 -8.15 0.06 16.68
N ILE A 222 -6.94 -0.41 16.44
CA ILE A 222 -5.77 0.48 16.43
C ILE A 222 -5.80 1.46 15.26
N TYR A 223 -6.46 1.10 14.18
CA TYR A 223 -6.57 2.00 13.04
C TYR A 223 -7.48 3.18 13.38
N SER A 224 -8.63 2.89 13.97
CA SER A 224 -9.60 3.94 14.25
C SER A 224 -9.14 4.83 15.40
N LYS A 225 -8.23 4.34 16.22
CA LYS A 225 -7.72 5.13 17.33
C LYS A 225 -6.52 5.96 16.90
N GLY A 226 -6.00 5.67 15.71
CA GLY A 226 -4.86 6.38 15.17
C GLY A 226 -3.58 5.59 15.29
N LEU A 227 -3.10 5.05 14.17
CA LEU A 227 -1.92 4.20 14.17
C LEU A 227 -0.66 4.92 14.67
N PHE A 228 -0.46 6.15 14.19
CA PHE A 228 0.70 6.92 14.60
C PHE A 228 0.56 7.43 16.03
N CYS A 229 -0.65 7.36 16.57
CA CYS A 229 -0.91 7.80 17.93
C CYS A 229 -0.57 6.72 18.96
N ILE A 230 -0.03 5.60 18.48
CA ILE A 230 0.50 4.57 19.37
C ILE A 230 1.94 4.93 19.72
N ARG A 231 2.15 5.38 20.95
CA ARG A 231 3.47 5.90 21.33
C ARG A 231 4.35 4.80 21.92
N ASP A 232 3.76 3.92 22.71
CA ASP A 232 4.53 2.82 23.28
C ASP A 232 3.68 1.65 23.75
N ILE A 233 4.34 0.50 23.89
CA ILE A 233 3.75 -0.67 24.52
C ILE A 233 4.50 -0.89 25.82
N ARG A 234 3.98 -0.31 26.90
CA ARG A 234 4.64 -0.33 28.20
C ARG A 234 4.87 -1.76 28.70
N ASN A 235 6.07 -2.02 29.21
CA ASN A 235 6.43 -3.35 29.69
C ASN A 235 7.72 -3.33 30.51
N ASP A 236 7.78 -4.17 31.54
CA ASP A 236 8.95 -4.22 32.41
C ASP A 236 9.73 -5.52 32.29
N TYR A 237 9.16 -6.51 31.60
CA TYR A 237 9.79 -7.82 31.50
C TYR A 237 10.48 -8.00 30.16
N PRO A 238 11.55 -8.80 30.12
CA PRO A 238 12.24 -9.12 28.87
C PRO A 238 11.25 -9.57 27.79
N VAL A 239 11.37 -8.99 26.59
CA VAL A 239 10.39 -9.23 25.53
C VAL A 239 10.93 -10.04 24.35
N PHE A 240 10.16 -11.04 23.93
CA PHE A 240 10.44 -11.73 22.68
C PHE A 240 9.56 -11.12 21.59
N ILE A 241 10.17 -10.84 20.45
CA ILE A 241 9.45 -10.24 19.33
C ILE A 241 9.17 -11.27 18.25
N SER A 242 7.90 -11.66 18.11
CA SER A 242 7.49 -12.62 17.11
C SER A 242 6.67 -11.94 16.01
N ILE A 243 7.21 -11.91 14.80
CA ILE A 243 6.58 -11.21 13.70
C ILE A 243 6.18 -12.13 12.56
N ASP A 244 4.87 -12.31 12.38
CA ASP A 244 4.34 -13.01 11.22
C ASP A 244 4.16 -11.98 10.11
N ALA A 245 4.66 -12.29 8.92
CA ALA A 245 4.55 -11.40 7.77
C ALA A 245 3.09 -11.09 7.44
N SER A 246 2.19 -11.98 7.84
CA SER A 246 0.78 -11.84 7.48
C SER A 246 0.14 -10.65 8.18
N VAL A 247 0.80 -10.10 9.19
CA VAL A 247 0.28 -8.94 9.89
C VAL A 247 0.24 -7.74 8.95
N LEU A 248 1.12 -7.75 7.95
CA LEU A 248 1.16 -6.68 6.95
C LEU A 248 0.08 -6.90 5.90
N ASP A 249 -0.39 -5.80 5.30
CA ASP A 249 -1.36 -5.91 4.21
C ASP A 249 -0.73 -6.65 3.04
N PRO A 250 -1.53 -7.48 2.35
CA PRO A 250 -1.10 -8.22 1.15
C PRO A 250 -0.44 -7.35 0.08
N ALA A 251 -0.72 -6.05 0.09
CA ALA A 251 -0.10 -5.14 -0.87
C ALA A 251 1.39 -4.96 -0.55
N PHE A 252 1.74 -5.12 0.72
CA PHE A 252 3.12 -4.96 1.16
C PHE A 252 3.81 -6.31 1.31
N ALA A 253 3.11 -7.26 1.91
CA ALA A 253 3.65 -8.61 2.11
C ALA A 253 2.68 -9.68 1.61
N PRO A 254 2.60 -9.87 0.27
CA PRO A 254 1.69 -10.84 -0.33
C PRO A 254 2.10 -12.30 -0.12
N ALA A 255 3.37 -12.55 0.18
CA ALA A 255 3.91 -13.90 0.20
C ALA A 255 3.53 -14.70 1.45
N VAL A 256 2.24 -14.73 1.77
CA VAL A 256 1.78 -15.44 2.94
C VAL A 256 0.64 -16.40 2.61
N ASP A 257 0.59 -17.51 3.34
CA ASP A 257 -0.51 -18.44 3.20
C ASP A 257 -1.78 -17.81 3.74
N SER A 258 -2.86 -17.94 2.98
CA SER A 258 -4.16 -17.37 3.33
C SER A 258 -4.05 -15.90 3.76
N PRO A 259 -3.72 -15.02 2.81
CA PRO A 259 -3.55 -13.59 3.12
C PRO A 259 -4.86 -12.93 3.56
N VAL A 260 -4.76 -11.98 4.48
CA VAL A 260 -5.93 -11.24 4.94
C VAL A 260 -5.79 -9.75 4.62
N ALA A 261 -6.69 -9.23 3.80
CA ALA A 261 -6.63 -7.83 3.39
C ALA A 261 -6.95 -6.92 4.56
N GLY A 262 -6.49 -5.66 4.47
CA GLY A 262 -6.70 -4.69 5.52
C GLY A 262 -5.70 -4.82 6.66
N GLY A 263 -4.44 -5.06 6.33
CA GLY A 263 -3.39 -5.15 7.33
C GLY A 263 -2.57 -3.89 7.51
N LEU A 264 -1.40 -4.03 8.13
CA LEU A 264 -0.52 -2.89 8.36
C LEU A 264 0.36 -2.60 7.16
N SER A 265 0.66 -1.32 6.95
CA SER A 265 1.72 -0.95 6.02
C SER A 265 3.05 -1.28 6.70
N THR A 266 4.11 -1.44 5.92
CA THR A 266 5.44 -1.67 6.48
C THR A 266 5.79 -0.57 7.48
N ARG A 267 5.53 0.68 7.10
CA ARG A 267 5.75 1.81 7.96
C ARG A 267 4.92 1.77 9.24
N ASP A 268 3.68 1.30 9.16
CA ASP A 268 2.83 1.10 10.34
C ASP A 268 3.52 0.16 11.32
N LEU A 269 4.01 -0.96 10.79
CA LEU A 269 4.63 -1.98 11.61
C LEU A 269 5.92 -1.44 12.25
N LEU A 270 6.73 -0.77 11.44
CA LEU A 270 7.98 -0.19 11.92
C LEU A 270 7.74 0.76 13.09
N HIS A 271 6.67 1.55 12.98
CA HIS A 271 6.33 2.51 14.03
C HIS A 271 5.88 1.81 15.32
N ILE A 272 5.07 0.76 15.18
CA ILE A 272 4.59 0.04 16.35
C ILE A 272 5.73 -0.73 17.01
N MET A 273 6.63 -1.28 16.20
CA MET A 273 7.82 -1.94 16.72
C MET A 273 8.65 -1.00 17.58
N ASN A 274 8.80 0.23 17.11
CA ASN A 274 9.65 1.22 17.79
C ASN A 274 9.12 1.56 19.18
N GLY A 275 7.82 1.39 19.40
CA GLY A 275 7.20 1.72 20.66
C GLY A 275 7.33 0.65 21.72
N ILE A 276 7.80 -0.54 21.32
CA ILE A 276 7.95 -1.67 22.23
C ILE A 276 8.97 -1.37 23.34
N ARG A 277 8.55 -1.53 24.60
CA ARG A 277 9.40 -1.25 25.75
C ARG A 277 9.83 -2.51 26.49
N GLY A 278 10.94 -2.41 27.22
CA GLY A 278 11.44 -3.54 27.99
C GLY A 278 12.91 -3.37 28.33
N PRO A 279 13.41 -4.17 29.29
CA PRO A 279 14.81 -4.12 29.70
C PRO A 279 15.74 -4.70 28.63
N LYS A 280 15.34 -5.83 28.05
CA LYS A 280 16.12 -6.48 27.00
C LYS A 280 15.19 -7.24 26.05
N VAL A 281 15.75 -7.69 24.93
CA VAL A 281 15.04 -8.57 24.02
C VAL A 281 15.58 -9.98 24.17
N VAL A 282 14.71 -10.94 24.46
CA VAL A 282 15.15 -12.31 24.63
C VAL A 282 15.41 -12.95 23.27
N GLY A 283 14.71 -12.45 22.25
CA GLY A 283 14.88 -12.96 20.90
C GLY A 283 13.89 -12.38 19.90
N ILE A 284 14.17 -12.59 18.63
CA ILE A 284 13.31 -12.09 17.55
C ILE A 284 13.05 -13.18 16.52
N ASP A 285 11.80 -13.32 16.10
CA ASP A 285 11.44 -14.29 15.09
C ASP A 285 10.66 -13.61 13.97
N VAL A 286 11.24 -13.59 12.78
CA VAL A 286 10.57 -13.04 11.59
C VAL A 286 10.25 -14.20 10.67
N TYR A 287 8.96 -14.42 10.42
CA TYR A 287 8.53 -15.62 9.70
C TYR A 287 7.28 -15.40 8.86
N GLY A 288 6.81 -16.47 8.24
CA GLY A 288 5.57 -16.45 7.49
C GLY A 288 5.77 -16.19 6.00
N TYR A 289 7.04 -16.04 5.61
CA TYR A 289 7.39 -15.71 4.23
C TYR A 289 7.61 -16.94 3.36
N ASN A 290 6.86 -17.02 2.27
CA ASN A 290 6.97 -18.11 1.30
C ASN A 290 7.18 -17.55 -0.11
N PRO A 291 8.38 -17.78 -0.68
CA PRO A 291 8.77 -17.25 -2.00
C PRO A 291 7.82 -17.67 -3.12
N ASP A 292 7.14 -18.80 -2.94
CA ASP A 292 6.21 -19.30 -3.95
C ASP A 292 4.94 -18.45 -4.02
N LEU A 293 4.74 -17.61 -3.01
CA LEU A 293 3.52 -16.82 -2.90
C LEU A 293 3.77 -15.32 -3.05
N ASP A 294 4.98 -14.94 -3.44
CA ASP A 294 5.34 -13.53 -3.49
C ASP A 294 4.97 -12.90 -4.82
N VAL A 295 4.84 -11.57 -4.80
CA VAL A 295 4.69 -10.81 -6.04
C VAL A 295 6.07 -10.31 -6.46
N TYR A 296 6.45 -10.60 -7.70
CA TYR A 296 7.80 -10.32 -8.16
C TYR A 296 7.88 -9.17 -9.16
N ARG A 297 8.88 -8.33 -8.97
CA ARG A 297 9.25 -7.34 -9.97
C ARG A 297 9.76 -8.08 -11.20
N LYS A 298 9.90 -7.37 -12.31
CA LYS A 298 10.39 -7.98 -13.54
C LYS A 298 11.79 -8.58 -13.35
N ASP A 299 12.59 -7.97 -12.48
CA ASP A 299 13.94 -8.46 -12.20
C ASP A 299 13.94 -9.55 -11.12
N ASN A 300 12.76 -10.11 -10.87
CA ASN A 300 12.58 -11.23 -9.95
C ASN A 300 12.94 -10.95 -8.50
N VAL A 301 12.73 -9.72 -8.07
CA VAL A 301 12.87 -9.39 -6.65
C VAL A 301 11.49 -9.38 -6.02
N GLY A 302 11.34 -10.15 -4.93
CA GLY A 302 10.05 -10.30 -4.27
C GLY A 302 9.71 -9.16 -3.35
N LEU A 303 8.46 -8.71 -3.42
CA LEU A 303 8.01 -7.55 -2.65
C LEU A 303 8.06 -7.79 -1.15
N THR A 304 7.75 -9.03 -0.75
CA THR A 304 7.74 -9.37 0.66
C THR A 304 9.16 -9.40 1.23
N ALA A 305 10.12 -9.83 0.42
CA ALA A 305 11.52 -9.84 0.81
C ALA A 305 12.04 -8.43 1.07
N ILE A 306 11.62 -7.48 0.24
CA ILE A 306 11.99 -6.08 0.42
C ILE A 306 11.46 -5.55 1.73
N ALA A 307 10.19 -5.82 2.00
CA ALA A 307 9.53 -5.36 3.21
C ALA A 307 10.15 -5.99 4.46
N LEU A 308 10.33 -7.30 4.46
CA LEU A 308 10.83 -8.02 5.63
C LEU A 308 12.29 -7.70 5.92
N SER A 309 13.08 -7.47 4.88
CA SER A 309 14.47 -7.11 5.04
C SER A 309 14.59 -5.85 5.89
N LYS A 310 13.68 -4.91 5.66
CA LYS A 310 13.64 -3.67 6.43
C LYS A 310 13.21 -3.93 7.86
N ILE A 311 12.20 -4.78 8.04
CA ILE A 311 11.67 -5.09 9.37
C ILE A 311 12.71 -5.81 10.23
N ILE A 312 13.47 -6.71 9.62
CA ILE A 312 14.56 -7.39 10.33
C ILE A 312 15.59 -6.40 10.82
N LYS A 313 15.98 -5.46 9.96
CA LYS A 313 17.00 -4.48 10.30
C LYS A 313 16.59 -3.60 11.47
N GLU A 314 15.37 -3.08 11.44
CA GLU A 314 14.88 -2.23 12.52
C GLU A 314 14.54 -3.05 13.75
N GLY A 315 14.42 -4.36 13.58
CA GLY A 315 14.22 -5.27 14.69
C GLY A 315 15.52 -5.40 15.48
N ILE A 316 16.61 -5.58 14.75
CA ILE A 316 17.94 -5.65 15.35
C ILE A 316 18.24 -4.36 16.12
N LEU A 317 17.89 -3.23 15.54
CA LEU A 317 18.08 -1.92 16.18
C LEU A 317 17.37 -1.84 17.53
N LYS A 318 16.19 -2.43 17.63
CA LYS A 318 15.41 -2.43 18.87
C LYS A 318 16.14 -3.24 19.95
N ALA A 319 16.78 -4.33 19.55
CA ALA A 319 17.51 -5.17 20.49
C ALA A 319 18.70 -4.44 21.10
N TYR A 320 19.15 -3.37 20.43
CA TYR A 320 20.27 -2.58 20.92
C TYR A 320 19.83 -1.34 21.70
N SER A 321 18.58 -0.92 21.53
CA SER A 321 18.16 0.36 22.06
C SER A 321 16.95 0.31 22.98
N ILE A 322 16.40 -0.89 23.21
CA ILE A 322 15.18 -0.99 24.00
C ILE A 322 15.43 -0.58 25.45
N SER A 323 14.44 0.10 26.03
CA SER A 323 14.49 0.51 27.43
C SER A 323 13.10 0.49 28.03
N THR A 324 13.03 0.32 29.35
CA THR A 324 11.74 0.26 30.04
C THR A 324 11.03 1.61 30.02
N HIS A 325 11.80 2.68 29.81
CA HIS A 325 11.22 4.01 29.69
C HIS A 325 10.41 4.15 28.41
N SER B 19 25.18 15.95 -29.19
CA SER B 19 24.83 14.60 -29.62
C SER B 19 23.72 14.64 -30.66
N HIS B 20 23.89 13.84 -31.72
CA HIS B 20 22.93 13.79 -32.83
C HIS B 20 21.61 13.17 -32.42
N MET B 21 21.60 12.49 -31.26
CA MET B 21 20.41 11.81 -30.78
C MET B 21 19.35 12.80 -30.27
N PHE B 22 19.79 14.02 -29.96
CA PHE B 22 18.91 15.04 -29.42
C PHE B 22 18.53 16.09 -30.46
N SER B 23 19.10 15.98 -31.65
CA SER B 23 18.97 17.00 -32.70
C SER B 23 17.53 17.34 -33.05
N LYS B 24 16.74 16.31 -33.36
CA LYS B 24 15.34 16.50 -33.72
C LYS B 24 14.57 17.19 -32.60
N PHE B 25 14.84 16.76 -31.37
CA PHE B 25 14.20 17.34 -30.20
C PHE B 25 14.61 18.79 -29.99
N LEU B 26 15.92 19.02 -29.93
CA LEU B 26 16.46 20.36 -29.66
C LEU B 26 16.04 21.37 -30.71
N MET B 27 15.91 20.92 -31.95
CA MET B 27 15.50 21.80 -33.04
C MET B 27 14.07 22.29 -32.82
N ASN B 28 13.22 21.41 -32.29
CA ASN B 28 11.82 21.76 -32.03
C ASN B 28 11.65 22.65 -30.81
N VAL B 29 12.52 22.47 -29.82
CA VAL B 29 12.42 23.23 -28.58
C VAL B 29 12.73 24.72 -28.80
N LYS B 30 13.79 25.02 -29.54
CA LYS B 30 14.12 26.43 -29.78
C LYS B 30 13.36 26.98 -30.98
N GLY B 31 12.40 26.20 -31.47
CA GLY B 31 11.46 26.69 -32.46
C GLY B 31 10.12 26.98 -31.80
N VAL B 32 10.05 26.75 -30.49
CA VAL B 32 8.84 26.96 -29.71
C VAL B 32 8.51 28.45 -29.58
N THR B 33 7.25 28.79 -29.82
CA THR B 33 6.77 30.16 -29.68
C THR B 33 6.86 30.61 -28.22
N PRO B 34 7.45 31.80 -28.00
CA PRO B 34 7.60 32.36 -26.66
C PRO B 34 6.27 32.59 -25.93
N ARG B 35 6.35 32.70 -24.61
CA ARG B 35 5.20 32.98 -23.75
C ARG B 35 4.51 34.28 -24.17
N GLY B 36 3.24 34.19 -24.53
CA GLY B 36 2.47 35.34 -24.98
C GLY B 36 2.34 36.41 -23.92
N SER B 37 1.88 37.59 -24.33
CA SER B 37 1.72 38.72 -23.41
C SER B 37 0.49 38.55 -22.54
N ASP B 38 -0.40 37.66 -22.92
CA ASP B 38 -1.58 37.33 -22.14
C ASP B 38 -1.26 36.66 -20.81
N TRP B 39 -0.09 36.10 -20.74
CA TRP B 39 0.34 35.37 -19.57
C TRP B 39 0.86 36.28 -18.51
N ALA B 40 0.85 37.57 -18.81
CA ALA B 40 0.55 38.59 -17.87
C ALA B 40 1.47 38.47 -16.69
N ASN B 41 0.96 38.57 -15.49
CA ASN B 41 1.72 38.26 -14.29
C ASN B 41 1.27 36.90 -13.75
N ARG B 42 0.74 36.08 -14.63
CA ARG B 42 0.24 34.78 -14.26
C ARG B 42 1.28 33.72 -14.14
N LEU B 43 0.96 32.66 -13.41
CA LEU B 43 1.86 31.51 -13.33
C LEU B 43 1.74 30.66 -14.60
N GLY B 44 2.85 30.02 -14.99
CA GLY B 44 2.88 29.20 -16.18
C GLY B 44 3.26 29.98 -17.42
N PRO B 45 3.12 29.36 -18.60
CA PRO B 45 2.65 27.99 -18.78
C PRO B 45 3.75 26.95 -18.55
N VAL B 46 3.41 25.68 -18.73
CA VAL B 46 4.32 24.58 -18.44
C VAL B 46 4.77 23.87 -19.73
N ALA B 47 6.06 23.55 -19.80
CA ALA B 47 6.59 22.77 -20.91
C ALA B 47 7.09 21.42 -20.40
N LEU B 48 6.80 20.37 -21.16
CA LEU B 48 7.07 19.01 -20.70
C LEU B 48 7.95 18.25 -21.68
N PHE B 49 9.01 17.63 -21.18
CA PHE B 49 9.85 16.77 -22.03
C PHE B 49 10.32 15.51 -21.31
N GLY B 50 10.59 14.47 -22.10
CA GLY B 50 11.07 13.21 -21.58
C GLY B 50 12.58 13.16 -21.50
N TYR B 51 13.09 12.73 -20.35
CA TYR B 51 14.52 12.68 -20.07
C TYR B 51 14.90 11.23 -19.76
N GLY B 52 15.94 10.72 -20.41
CA GLY B 52 16.25 9.30 -20.30
C GLY B 52 17.62 8.91 -19.78
N ALA B 53 18.34 9.86 -19.18
CA ALA B 53 19.70 9.59 -18.71
C ALA B 53 19.73 8.56 -17.59
N GLY B 54 20.59 7.54 -17.75
CA GLY B 54 20.81 6.54 -16.72
C GLY B 54 19.76 5.45 -16.68
N MET B 55 18.79 5.51 -17.59
CA MET B 55 17.73 4.52 -17.65
C MET B 55 17.72 3.83 -19.02
N PRO B 56 17.15 2.62 -19.09
CA PRO B 56 16.99 1.88 -20.36
C PRO B 56 16.40 2.74 -21.48
N ARG B 57 16.74 2.41 -22.73
CA ARG B 57 16.32 3.18 -23.89
C ARG B 57 14.80 3.31 -23.99
N ARG B 58 14.09 2.22 -23.71
CA ARG B 58 12.64 2.29 -23.65
CA ARG B 58 12.64 2.27 -23.63
C ARG B 58 12.20 3.06 -22.40
N ALA B 59 11.66 4.25 -22.61
CA ALA B 59 11.22 5.11 -21.52
C ALA B 59 9.76 5.49 -21.72
N PRO B 60 8.84 4.65 -21.23
CA PRO B 60 7.41 4.76 -21.52
C PRO B 60 6.64 5.75 -20.64
N LEU B 61 7.30 6.34 -19.65
CA LEU B 61 6.59 7.17 -18.67
C LEU B 61 5.93 8.38 -19.31
N LEU B 62 6.64 9.05 -20.21
CA LEU B 62 6.09 10.22 -20.88
C LEU B 62 4.85 9.84 -21.69
N ASP B 63 4.95 8.77 -22.47
CA ASP B 63 3.81 8.28 -23.25
C ASP B 63 2.66 7.87 -22.35
N PHE B 64 2.98 7.21 -21.25
CA PHE B 64 1.94 6.76 -20.34
C PHE B 64 1.23 7.95 -19.70
N PHE B 65 1.98 8.98 -19.37
CA PHE B 65 1.38 10.18 -18.81
C PHE B 65 0.45 10.86 -19.82
N LEU B 66 0.91 10.94 -21.07
CA LEU B 66 0.15 11.60 -22.12
C LEU B 66 -1.20 10.95 -22.39
N GLN B 67 -1.31 9.64 -22.15
CA GLN B 67 -2.56 8.93 -22.40
C GLN B 67 -3.45 8.88 -21.16
N SER B 68 -2.96 9.41 -20.04
CA SER B 68 -3.70 9.39 -18.79
C SER B 68 -4.78 10.48 -18.77
N PRO B 69 -5.84 10.27 -17.96
CA PRO B 69 -6.92 11.26 -17.81
C PRO B 69 -6.42 12.62 -17.33
N ARG B 70 -7.13 13.68 -17.71
CA ARG B 70 -6.64 15.04 -17.55
C ARG B 70 -7.08 15.73 -16.27
N ASP B 71 -8.18 15.27 -15.67
CA ASP B 71 -8.72 15.94 -14.49
C ASP B 71 -7.88 15.64 -13.25
N CYS B 72 -7.67 16.67 -12.43
CA CYS B 72 -6.84 16.57 -11.23
C CYS B 72 -7.66 16.38 -9.96
N ASP B 73 -6.96 16.18 -8.84
CA ASP B 73 -7.61 16.12 -7.53
C ASP B 73 -8.41 17.39 -7.30
N HIS B 74 -7.72 18.52 -7.29
CA HIS B 74 -8.37 19.81 -7.26
C HIS B 74 -8.96 20.08 -8.63
N TYR B 75 -10.18 20.61 -8.65
CA TYR B 75 -11.00 20.61 -9.86
C TYR B 75 -10.46 21.51 -10.97
N ALA B 76 -9.37 21.04 -11.57
CA ALA B 76 -8.78 21.68 -12.74
C ALA B 76 -8.49 20.61 -13.78
N GLU B 77 -8.12 21.03 -14.97
CA GLU B 77 -8.00 20.09 -16.09
C GLU B 77 -6.79 20.40 -16.97
N LEU B 78 -5.92 19.41 -17.14
CA LEU B 78 -4.76 19.57 -18.02
C LEU B 78 -5.19 19.61 -19.48
N THR B 79 -4.60 20.54 -20.24
CA THR B 79 -4.75 20.56 -21.67
C THR B 79 -3.37 20.45 -22.30
N ILE B 80 -3.18 19.46 -23.16
CA ILE B 80 -1.87 19.21 -23.75
C ILE B 80 -1.80 19.73 -25.19
N HIS B 81 -0.73 20.45 -25.48
CA HIS B 81 -0.55 21.03 -26.81
C HIS B 81 0.84 20.70 -27.34
N ASP B 82 0.93 20.42 -28.65
CA ASP B 82 2.20 20.03 -29.25
C ASP B 82 2.92 21.19 -29.92
N LYS B 83 2.27 22.35 -29.98
CA LYS B 83 2.89 23.54 -30.56
C LYS B 83 2.20 24.81 -30.05
N GLY B 84 2.91 25.94 -30.12
CA GLY B 84 2.35 27.21 -29.71
C GLY B 84 1.46 27.82 -30.77
N PRO B 85 0.88 28.99 -30.49
CA PRO B 85 1.01 29.71 -29.21
C PRO B 85 0.12 29.13 -28.12
N ILE B 86 0.61 29.15 -26.88
CA ILE B 86 -0.17 28.69 -25.74
C ILE B 86 -1.11 29.80 -25.27
N GLU B 87 -2.39 29.65 -25.61
CA GLU B 87 -3.41 30.62 -25.20
C GLU B 87 -3.57 30.60 -23.69
N CYS B 88 -3.51 31.77 -23.07
CA CYS B 88 -3.74 31.88 -21.64
C CYS B 88 -5.22 31.73 -21.34
N PRO B 89 -5.58 30.69 -20.57
CA PRO B 89 -6.98 30.41 -20.25
C PRO B 89 -7.56 31.42 -19.25
N PRO B 90 -8.80 31.88 -19.48
CA PRO B 90 -9.48 32.80 -18.57
C PRO B 90 -9.90 32.14 -17.25
N VAL B 93 -11.76 29.44 -15.90
CA VAL B 93 -12.08 28.20 -16.61
C VAL B 93 -11.36 26.98 -16.03
N MET B 94 -10.29 27.22 -15.28
CA MET B 94 -9.54 26.13 -14.67
C MET B 94 -8.99 25.16 -15.72
N PHE B 95 -8.33 25.72 -16.72
CA PHE B 95 -7.57 24.94 -17.68
C PHE B 95 -6.10 25.07 -17.31
N MET B 96 -5.31 24.05 -17.60
CA MET B 96 -3.88 24.12 -17.30
C MET B 96 -3.08 23.59 -18.48
N PRO B 97 -2.70 24.49 -19.39
CA PRO B 97 -2.01 24.15 -20.63
C PRO B 97 -0.62 23.56 -20.39
N VAL B 98 -0.33 22.45 -21.06
CA VAL B 98 0.98 21.83 -21.01
C VAL B 98 1.55 21.69 -22.42
N LEU B 99 2.76 22.19 -22.64
CA LEU B 99 3.39 22.09 -23.95
C LEU B 99 4.26 20.83 -24.03
N ASN B 100 3.77 19.83 -24.74
CA ASN B 100 4.50 18.57 -24.91
C ASN B 100 5.65 18.73 -25.91
N CYS B 101 6.88 18.61 -25.42
CA CYS B 101 8.06 18.71 -26.27
C CYS B 101 8.61 17.33 -26.60
N GLY B 102 7.93 16.29 -26.12
CA GLY B 102 8.29 14.92 -26.43
C GLY B 102 9.59 14.44 -25.80
N GLN B 103 10.05 13.28 -26.25
CA GLN B 103 11.28 12.68 -25.77
C GLN B 103 12.50 13.45 -26.24
N MET B 104 13.51 13.55 -25.39
CA MET B 104 14.76 14.20 -25.77
C MET B 104 15.54 13.32 -26.74
N LEU B 105 15.63 12.03 -26.40
CA LEU B 105 16.30 11.06 -27.25
C LEU B 105 15.39 10.61 -28.39
N ASP B 106 15.85 10.80 -29.63
CA ASP B 106 15.10 10.38 -30.80
C ASP B 106 15.42 8.93 -31.14
N GLU B 107 14.46 8.04 -30.90
CA GLU B 107 14.61 6.63 -31.24
C GLU B 107 14.76 6.47 -32.75
N ALA B 108 15.47 5.43 -33.15
CA ALA B 108 15.72 5.12 -34.57
C ALA B 108 16.45 6.27 -35.29
N ALA B 109 17.20 7.06 -34.52
CA ALA B 109 18.11 8.05 -35.09
C ALA B 109 19.53 7.53 -34.90
N GLY B 110 19.61 6.26 -34.57
CA GLY B 110 20.88 5.60 -34.29
C GLY B 110 20.76 4.69 -33.08
N THR B 111 21.68 3.74 -32.97
CA THR B 111 21.67 2.79 -31.86
C THR B 111 22.55 3.28 -30.71
N GLU B 112 23.06 4.50 -30.84
CA GLU B 112 23.99 5.06 -29.87
C GLU B 112 23.31 5.50 -28.58
N THR B 113 24.03 5.38 -27.47
CA THR B 113 23.56 5.85 -26.18
C THR B 113 24.34 7.09 -25.74
N PRO B 114 23.64 8.23 -25.58
CA PRO B 114 24.27 9.49 -25.17
C PRO B 114 25.02 9.37 -23.84
N THR B 115 26.18 10.03 -23.75
CA THR B 115 26.96 10.00 -22.53
C THR B 115 26.33 10.87 -21.46
N SER B 116 26.89 10.85 -20.26
CA SER B 116 26.38 11.64 -19.15
C SER B 116 26.51 13.14 -19.44
N ASP B 117 27.62 13.51 -20.06
CA ASP B 117 27.87 14.92 -20.40
C ASP B 117 26.95 15.37 -21.53
N GLU B 118 26.64 14.46 -22.44
CA GLU B 118 25.74 14.78 -23.54
C GLU B 118 24.32 14.99 -23.03
N TRP B 119 23.89 14.15 -22.09
CA TRP B 119 22.60 14.31 -21.44
C TRP B 119 22.53 15.65 -20.71
N TYR B 120 23.64 16.01 -20.08
CA TYR B 120 23.71 17.26 -19.32
C TYR B 120 23.58 18.47 -20.23
N LEU B 121 24.34 18.50 -21.33
CA LEU B 121 24.29 19.62 -22.27
C LEU B 121 22.91 19.74 -22.91
N GLY B 122 22.33 18.60 -23.27
CA GLY B 122 21.02 18.56 -23.88
C GLY B 122 19.93 19.15 -23.00
N SER B 123 19.87 18.69 -21.76
CA SER B 123 18.85 19.17 -20.82
C SER B 123 19.12 20.62 -20.42
N LEU B 124 20.39 20.97 -20.26
CA LEU B 124 20.77 22.36 -19.94
C LEU B 124 20.32 23.32 -21.02
N GLU B 125 20.55 22.94 -22.27
CA GLU B 125 20.18 23.78 -23.40
C GLU B 125 18.68 23.91 -23.54
N ALA B 126 17.98 22.78 -23.45
CA ALA B 126 16.53 22.75 -23.53
C ALA B 126 15.89 23.58 -22.43
N SER B 127 16.37 23.39 -21.20
CA SER B 127 15.84 24.12 -20.05
C SER B 127 16.04 25.62 -20.20
N THR B 128 17.23 26.00 -20.65
CA THR B 128 17.57 27.40 -20.88
C THR B 128 16.61 28.04 -21.88
N GLU B 129 16.34 27.30 -22.96
CA GLU B 129 15.45 27.79 -24.00
C GLU B 129 14.03 27.97 -23.47
N LEU B 130 13.51 26.94 -22.81
CA LEU B 130 12.14 26.95 -22.30
C LEU B 130 11.95 28.02 -21.23
N LEU B 131 12.91 28.13 -20.32
CA LEU B 131 12.82 29.08 -19.23
C LEU B 131 12.76 30.52 -19.71
N GLU B 132 13.67 30.90 -20.60
CA GLU B 132 13.72 32.28 -21.05
C GLU B 132 12.60 32.57 -22.05
N LYS B 133 11.94 31.52 -22.52
CA LYS B 133 10.75 31.69 -23.34
C LYS B 133 9.49 31.71 -22.47
N GLY B 134 9.69 31.75 -21.16
CA GLY B 134 8.61 31.94 -20.21
C GLY B 134 7.95 30.68 -19.66
N TYR B 135 8.44 29.52 -20.08
CA TYR B 135 7.84 28.25 -19.67
C TYR B 135 8.44 27.70 -18.37
N VAL B 136 7.60 27.03 -17.59
CA VAL B 136 8.07 26.27 -16.43
C VAL B 136 8.39 24.85 -16.89
N PRO B 137 9.68 24.47 -16.84
CA PRO B 137 10.10 23.18 -17.39
C PRO B 137 9.77 22.02 -16.48
N VAL B 138 9.24 20.93 -17.05
CA VAL B 138 8.99 19.71 -16.29
C VAL B 138 9.63 18.53 -16.99
N SER B 139 10.58 17.89 -16.29
CA SER B 139 11.33 16.78 -16.85
C SER B 139 10.85 15.45 -16.28
N VAL B 140 10.65 14.48 -17.14
CA VAL B 140 10.09 13.19 -16.74
C VAL B 140 10.96 12.02 -17.16
N GLY B 141 11.36 11.20 -16.20
CA GLY B 141 12.22 10.05 -16.46
C GLY B 141 13.64 10.35 -16.06
N GLY B 142 14.55 9.45 -16.41
CA GLY B 142 15.96 9.66 -16.12
C GLY B 142 16.36 9.24 -14.71
N ASP B 143 17.50 9.73 -14.25
CA ASP B 143 18.08 9.29 -12.99
C ASP B 143 18.28 10.42 -11.97
N GLY B 144 17.72 11.59 -12.25
CA GLY B 144 17.86 12.72 -11.35
C GLY B 144 18.87 13.76 -11.78
N SER B 145 19.68 13.43 -12.78
CA SER B 145 20.69 14.36 -13.29
C SER B 145 20.07 15.61 -13.91
N ALA B 146 18.82 15.49 -14.35
CA ALA B 146 18.10 16.62 -14.96
C ALA B 146 17.94 17.76 -13.96
N THR B 147 17.83 17.43 -12.68
CA THR B 147 17.73 18.43 -11.63
C THR B 147 18.91 19.39 -11.66
N LEU B 148 20.10 18.83 -11.85
CA LEU B 148 21.32 19.62 -11.94
C LEU B 148 21.28 20.65 -13.06
N SER B 149 21.01 20.19 -14.29
CA SER B 149 21.06 21.05 -15.45
C SER B 149 19.90 22.04 -15.50
N MET B 150 18.78 21.71 -14.85
CA MET B 150 17.60 22.56 -14.89
C MET B 150 17.71 23.78 -13.97
N VAL B 151 18.21 23.60 -12.75
CA VAL B 151 18.32 24.73 -11.84
C VAL B 151 19.55 25.56 -12.18
N GLU B 152 20.55 24.93 -12.82
CA GLU B 152 21.73 25.68 -13.27
C GLU B 152 21.34 26.56 -14.44
N ALA B 153 20.42 26.08 -15.27
CA ALA B 153 19.89 26.88 -16.36
C ALA B 153 19.10 28.07 -15.80
N TYR B 154 18.34 27.81 -14.75
CA TYR B 154 17.58 28.87 -14.10
C TYR B 154 18.50 29.89 -13.46
N LYS B 155 19.54 29.41 -12.78
CA LYS B 155 20.47 30.28 -12.09
C LYS B 155 21.27 31.13 -13.08
N ARG B 156 21.50 30.57 -14.26
CA ARG B 156 22.22 31.29 -15.30
C ARG B 156 21.38 32.46 -15.81
N LEU B 157 20.10 32.22 -16.05
CA LEU B 157 19.18 33.24 -16.54
C LEU B 157 18.75 34.22 -15.44
N PHE B 158 18.58 33.70 -14.24
CA PHE B 158 18.13 34.51 -13.10
C PHE B 158 19.15 34.50 -11.96
N PRO B 159 20.28 35.20 -12.13
CA PRO B 159 21.35 35.18 -11.13
C PRO B 159 20.93 35.78 -9.79
N SER B 160 19.97 36.68 -9.82
CA SER B 160 19.53 37.37 -8.60
C SER B 160 18.56 36.51 -7.78
N ASP B 161 17.84 35.62 -8.46
CA ASP B 161 16.87 34.76 -7.80
C ASP B 161 17.52 33.75 -6.85
N ASP B 162 16.94 33.59 -5.68
CA ASP B 162 17.36 32.55 -4.74
C ASP B 162 16.56 31.29 -4.98
N ILE B 163 17.23 30.15 -5.01
CA ILE B 163 16.57 28.88 -5.29
C ILE B 163 16.60 27.94 -4.09
N VAL B 164 15.44 27.38 -3.78
CA VAL B 164 15.33 26.37 -2.73
C VAL B 164 14.76 25.09 -3.34
N ILE B 165 15.33 23.95 -2.98
CA ILE B 165 14.89 22.69 -3.55
C ILE B 165 14.16 21.82 -2.53
N VAL B 166 12.95 21.38 -2.90
CA VAL B 166 12.25 20.36 -2.13
C VAL B 166 12.50 19.01 -2.79
N HIS B 167 13.28 18.17 -2.11
CA HIS B 167 13.75 16.91 -2.69
C HIS B 167 13.12 15.69 -2.01
N PHE B 168 12.24 14.99 -2.72
CA PHE B 168 11.65 13.74 -2.23
C PHE B 168 12.51 12.54 -2.61
N ASP B 169 12.93 11.78 -1.60
CA ASP B 169 13.83 10.65 -1.84
C ASP B 169 13.92 9.74 -0.61
N ALA B 170 14.20 8.46 -0.84
CA ALA B 170 14.43 7.52 0.25
C ALA B 170 15.84 7.75 0.80
N ARG B 171 16.70 8.36 0.05
CA ARG B 171 18.07 8.65 0.42
C ARG B 171 18.34 10.15 0.33
N PRO B 172 19.14 10.72 1.25
CA PRO B 172 19.63 12.09 1.14
C PRO B 172 20.32 12.31 -0.21
N ASP B 173 21.06 11.29 -0.65
CA ASP B 173 21.78 11.31 -1.92
C ASP B 173 22.70 12.51 -2.05
N VAL B 174 23.47 12.77 -1.00
CA VAL B 174 24.43 13.87 -1.00
C VAL B 174 25.82 13.41 -0.54
N SER B 175 25.98 12.10 -0.39
CA SER B 175 27.26 11.54 0.05
C SER B 175 28.26 11.47 -1.10
N ASP B 176 27.75 11.33 -2.31
CA ASP B 176 28.59 11.31 -3.50
C ASP B 176 28.83 12.75 -3.97
N PRO B 177 30.11 13.14 -4.10
CA PRO B 177 30.46 14.47 -4.61
C PRO B 177 29.98 14.70 -6.04
N ARG B 178 29.65 13.64 -6.76
CA ARG B 178 29.15 13.75 -8.13
C ARG B 178 27.62 13.83 -8.19
N SER B 179 26.95 13.69 -7.04
CA SER B 179 25.49 13.73 -7.02
C SER B 179 24.97 15.06 -7.50
N PRO B 180 23.83 15.03 -8.20
CA PRO B 180 23.20 16.24 -8.73
C PRO B 180 22.93 17.28 -7.66
N LEU B 181 22.50 16.80 -6.50
CA LEU B 181 22.18 17.66 -5.38
C LEU B 181 23.44 18.19 -4.71
N ARG B 182 24.47 17.34 -4.61
CA ARG B 182 25.73 17.72 -3.98
C ARG B 182 26.48 18.78 -4.79
N VAL B 183 26.49 18.61 -6.12
CA VAL B 183 27.15 19.55 -7.01
C VAL B 183 26.54 20.95 -6.88
N LEU B 184 25.21 21.00 -6.81
CA LEU B 184 24.49 22.26 -6.66
C LEU B 184 24.80 22.92 -5.32
N LEU B 185 24.99 22.10 -4.30
CA LEU B 185 25.31 22.60 -2.96
C LEU B 185 26.76 23.05 -2.89
N ASP B 186 27.64 22.36 -3.58
CA ASP B 186 29.07 22.70 -3.58
C ASP B 186 29.33 23.97 -4.37
N LYS B 187 28.56 24.18 -5.45
CA LYS B 187 28.72 25.38 -6.26
C LYS B 187 28.00 26.57 -5.64
N GLY B 188 27.27 26.33 -4.55
CA GLY B 188 26.59 27.39 -3.82
C GLY B 188 25.48 28.07 -4.59
N LEU B 189 24.73 27.29 -5.36
CA LEU B 189 23.65 27.83 -6.18
C LEU B 189 22.30 27.74 -5.48
N LEU B 190 22.26 27.08 -4.34
CA LEU B 190 21.01 26.84 -3.62
C LEU B 190 20.95 27.64 -2.32
N LYS B 191 19.82 28.30 -2.09
CA LYS B 191 19.61 29.02 -0.83
C LYS B 191 19.38 28.03 0.31
N GLY B 192 18.61 26.98 0.02
CA GLY B 192 18.31 25.97 1.02
C GLY B 192 17.74 24.71 0.40
N VAL B 193 17.84 23.60 1.13
CA VAL B 193 17.32 22.32 0.64
C VAL B 193 16.43 21.66 1.68
N VAL B 194 15.25 21.21 1.26
CA VAL B 194 14.36 20.45 2.12
C VAL B 194 14.22 19.01 1.62
N SER B 195 14.84 18.08 2.33
CA SER B 195 14.74 16.65 2.00
C SER B 195 13.52 16.04 2.69
N VAL B 196 12.73 15.30 1.92
CA VAL B 196 11.52 14.68 2.44
C VAL B 196 11.48 13.18 2.22
N GLY B 197 11.25 12.42 3.28
CA GLY B 197 11.01 11.00 3.16
C GLY B 197 12.24 10.11 3.27
N ASN B 198 13.36 10.69 3.69
CA ASN B 198 14.59 9.93 3.85
C ASN B 198 14.43 8.86 4.92
N ARG B 199 14.86 7.64 4.61
CA ARG B 199 14.79 6.54 5.57
C ARG B 199 15.99 5.62 5.44
N GLN B 200 16.98 6.08 4.67
CA GLN B 200 18.26 5.39 4.57
C GLN B 200 19.38 6.42 4.62
N VAL B 201 19.61 6.96 5.82
CA VAL B 201 20.57 8.05 6.01
C VAL B 201 21.91 7.53 6.54
N SER B 202 22.96 7.75 5.78
CA SER B 202 24.29 7.27 6.16
C SER B 202 25.01 8.25 7.08
N SER B 203 26.12 7.80 7.65
CA SER B 203 26.96 8.66 8.46
C SER B 203 27.49 9.83 7.64
N GLU B 204 27.91 9.55 6.41
CA GLU B 204 28.40 10.60 5.52
C GLU B 204 27.29 11.56 5.13
N ASP B 205 26.08 11.05 4.98
CA ASP B 205 24.91 11.88 4.69
C ASP B 205 24.68 12.91 5.79
N ARG B 206 24.85 12.48 7.04
CA ARG B 206 24.62 13.34 8.19
C ARG B 206 25.64 14.47 8.28
N LYS B 207 26.88 14.20 7.89
CA LYS B 207 27.91 15.23 7.90
C LYS B 207 27.61 16.32 6.89
N VAL B 208 27.18 15.90 5.70
CA VAL B 208 26.83 16.85 4.64
C VAL B 208 25.59 17.64 5.02
N ARG B 209 24.69 16.99 5.76
CA ARG B 209 23.49 17.66 6.25
C ARG B 209 23.82 18.84 7.14
N LYS B 210 24.71 18.63 8.12
CA LYS B 210 25.04 19.69 9.05
C LYS B 210 25.87 20.78 8.40
N LEU B 211 26.75 20.38 7.48
CA LEU B 211 27.66 21.32 6.81
C LEU B 211 26.89 22.32 5.95
N HIS B 212 25.90 21.84 5.20
CA HIS B 212 25.12 22.72 4.34
C HIS B 212 23.83 23.14 5.02
N LYS B 213 23.69 22.78 6.29
CA LYS B 213 22.52 23.13 7.10
C LYS B 213 21.21 22.76 6.42
N MET B 214 21.14 21.56 5.87
CA MET B 214 19.96 21.09 5.19
C MET B 214 18.82 20.79 6.15
N PHE B 215 17.61 21.21 5.78
CA PHE B 215 16.41 20.88 6.52
C PHE B 215 15.86 19.56 5.97
N TYR B 216 15.54 18.62 6.85
CA TYR B 216 15.09 17.31 6.42
C TYR B 216 13.87 16.81 7.19
N MET B 217 13.10 15.94 6.55
CA MET B 217 11.90 15.38 7.15
C MET B 217 11.81 13.88 6.91
N ASP B 218 12.48 13.12 7.78
CA ASP B 218 12.59 11.67 7.60
C ASP B 218 11.25 10.96 7.84
N MET B 219 11.11 9.79 7.22
CA MET B 219 9.86 9.03 7.26
C MET B 219 9.34 8.77 8.67
N HIS B 220 10.19 8.22 9.53
CA HIS B 220 9.77 7.84 10.87
C HIS B 220 9.29 9.06 11.66
N ALA B 221 9.95 10.19 11.45
CA ALA B 221 9.61 11.42 12.15
C ALA B 221 8.29 12.00 11.63
N ILE B 222 8.18 12.08 10.31
CA ILE B 222 6.98 12.60 9.68
C ILE B 222 5.76 11.74 9.97
N TYR B 223 5.96 10.42 10.00
CA TYR B 223 4.85 9.49 10.24
C TYR B 223 4.30 9.61 11.67
N SER B 224 5.19 9.59 12.66
CA SER B 224 4.75 9.63 14.06
C SER B 224 4.16 10.99 14.40
N LYS B 225 4.51 11.99 13.62
CA LYS B 225 3.98 13.35 13.77
C LYS B 225 2.58 13.45 13.19
N GLY B 226 2.28 12.58 12.23
CA GLY B 226 1.00 12.61 11.54
C GLY B 226 1.17 13.14 10.12
N LEU B 227 1.16 12.22 9.15
CA LEU B 227 1.36 12.56 7.75
C LEU B 227 0.40 13.63 7.26
N PHE B 228 -0.89 13.43 7.53
CA PHE B 228 -1.92 14.36 7.07
C PHE B 228 -1.90 15.67 7.86
N CYS B 229 -1.19 15.68 8.99
CA CYS B 229 -1.11 16.87 9.83
C CYS B 229 -0.09 17.88 9.29
N ILE B 230 0.57 17.52 8.20
CA ILE B 230 1.46 18.46 7.53
C ILE B 230 0.64 19.41 6.67
N ARG B 231 0.56 20.66 7.09
CA ARG B 231 -0.29 21.65 6.43
C ARG B 231 0.48 22.47 5.39
N ASP B 232 1.72 22.82 5.70
CA ASP B 232 2.51 23.64 4.80
C ASP B 232 3.99 23.28 4.83
N ILE B 233 4.67 23.63 3.75
CA ILE B 233 6.12 23.72 3.73
C ILE B 233 6.43 25.18 3.41
N ARG B 234 6.52 25.99 4.47
CA ARG B 234 6.64 27.43 4.34
C ARG B 234 7.90 27.83 3.60
N ASN B 235 7.77 28.72 2.62
CA ASN B 235 8.90 29.16 1.83
C ASN B 235 8.58 30.41 1.01
N ASP B 236 9.54 31.32 0.89
CA ASP B 236 9.33 32.59 0.18
C ASP B 236 10.07 32.65 -1.15
N TYR B 237 10.96 31.68 -1.38
CA TYR B 237 11.80 31.66 -2.57
C TYR B 237 11.25 30.71 -3.63
N PRO B 238 11.55 30.97 -4.91
CA PRO B 238 11.18 30.06 -5.99
C PRO B 238 11.67 28.64 -5.72
N VAL B 239 10.77 27.66 -5.82
CA VAL B 239 11.10 26.28 -5.48
C VAL B 239 11.33 25.40 -6.70
N PHE B 240 12.35 24.56 -6.63
CA PHE B 240 12.46 23.46 -7.58
C PHE B 240 11.99 22.19 -6.90
N ILE B 241 11.17 21.41 -7.60
CA ILE B 241 10.64 20.18 -7.04
C ILE B 241 11.29 18.97 -7.70
N SER B 242 12.15 18.29 -6.94
CA SER B 242 12.84 17.10 -7.41
C SER B 242 12.25 15.86 -6.74
N ILE B 243 11.65 14.98 -7.52
CA ILE B 243 10.98 13.81 -6.97
C ILE B 243 11.56 12.50 -7.47
N ASP B 244 12.20 11.76 -6.58
CA ASP B 244 12.69 10.43 -6.86
C ASP B 244 11.57 9.46 -6.54
N ALA B 245 11.30 8.53 -7.44
CA ALA B 245 10.24 7.53 -7.24
C ALA B 245 10.48 6.71 -5.99
N SER B 246 11.74 6.62 -5.57
CA SER B 246 12.13 5.80 -4.44
C SER B 246 11.61 6.35 -3.10
N VAL B 247 11.09 7.57 -3.11
CA VAL B 247 10.53 8.16 -1.91
C VAL B 247 9.25 7.41 -1.51
N LEU B 248 8.58 6.84 -2.51
CA LEU B 248 7.36 6.06 -2.27
C LEU B 248 7.71 4.66 -1.80
N ASP B 249 6.81 4.06 -1.04
CA ASP B 249 6.98 2.67 -0.64
C ASP B 249 7.00 1.79 -1.89
N PRO B 250 7.82 0.73 -1.87
CA PRO B 250 7.89 -0.24 -2.96
C PRO B 250 6.53 -0.85 -3.35
N ALA B 251 5.56 -0.78 -2.46
CA ALA B 251 4.22 -1.30 -2.75
C ALA B 251 3.52 -0.42 -3.77
N PHE B 252 3.92 0.85 -3.82
CA PHE B 252 3.32 1.80 -4.75
C PHE B 252 4.22 2.06 -5.94
N ALA B 253 5.53 2.16 -5.68
CA ALA B 253 6.50 2.37 -6.76
C ALA B 253 7.69 1.43 -6.62
N PRO B 254 7.52 0.17 -7.06
CA PRO B 254 8.60 -0.83 -6.96
C PRO B 254 9.73 -0.65 -7.98
N ALA B 255 9.49 0.09 -9.05
CA ALA B 255 10.44 0.17 -10.16
C ALA B 255 11.65 1.06 -9.88
N VAL B 256 12.31 0.84 -8.75
CA VAL B 256 13.50 1.63 -8.41
C VAL B 256 14.67 0.74 -8.01
N ASP B 257 15.87 1.21 -8.30
CA ASP B 257 17.07 0.52 -7.89
C ASP B 257 17.21 0.58 -6.37
N SER B 258 17.52 -0.56 -5.76
CA SER B 258 17.66 -0.68 -4.31
C SER B 258 16.45 -0.10 -3.55
N PRO B 259 15.30 -0.80 -3.62
CA PRO B 259 14.08 -0.32 -2.97
C PRO B 259 14.20 -0.27 -1.46
N VAL B 260 13.59 0.73 -0.83
CA VAL B 260 13.58 0.83 0.62
C VAL B 260 12.15 0.77 1.16
N ALA B 261 11.84 -0.27 1.92
CA ALA B 261 10.50 -0.44 2.47
C ALA B 261 10.20 0.63 3.52
N GLY B 262 8.92 0.92 3.72
CA GLY B 262 8.51 1.88 4.73
C GLY B 262 8.47 3.31 4.21
N GLY B 263 8.06 3.48 2.96
CA GLY B 263 8.01 4.80 2.37
C GLY B 263 6.62 5.39 2.29
N LEU B 264 6.48 6.44 1.50
CA LEU B 264 5.20 7.13 1.37
C LEU B 264 4.23 6.37 0.46
N SER B 265 2.94 6.47 0.76
CA SER B 265 1.92 6.06 -0.19
C SER B 265 1.83 7.14 -1.25
N THR B 266 1.24 6.83 -2.39
CA THR B 266 1.10 7.84 -3.45
C THR B 266 0.27 9.02 -2.94
N ARG B 267 -0.78 8.72 -2.17
CA ARG B 267 -1.59 9.77 -1.57
C ARG B 267 -0.81 10.63 -0.58
N ASP B 268 0.04 9.99 0.23
CA ASP B 268 0.91 10.73 1.15
C ASP B 268 1.73 11.77 0.40
N LEU B 269 2.38 11.34 -0.67
CA LEU B 269 3.22 12.22 -1.46
C LEU B 269 2.40 13.36 -2.05
N LEU B 270 1.22 13.02 -2.58
CA LEU B 270 0.34 14.02 -3.18
C LEU B 270 -0.06 15.09 -2.18
N HIS B 271 -0.30 14.68 -0.94
CA HIS B 271 -0.68 15.60 0.12
C HIS B 271 0.47 16.52 0.54
N ILE B 272 1.67 15.94 0.62
CA ILE B 272 2.84 16.72 1.03
C ILE B 272 3.22 17.70 -0.08
N MET B 273 3.12 17.27 -1.34
CA MET B 273 3.34 18.14 -2.48
C MET B 273 2.40 19.34 -2.47
N ASN B 274 1.14 19.10 -2.08
CA ASN B 274 0.13 20.16 -2.09
C ASN B 274 0.43 21.25 -1.07
N GLY B 275 1.22 20.91 -0.06
CA GLY B 275 1.57 21.84 1.00
C GLY B 275 2.74 22.73 0.68
N ILE B 276 3.42 22.48 -0.43
CA ILE B 276 4.57 23.28 -0.85
C ILE B 276 4.16 24.74 -1.04
N ARG B 277 4.93 25.67 -0.47
CA ARG B 277 4.63 27.08 -0.63
C ARG B 277 5.75 27.82 -1.33
N GLY B 278 5.40 28.89 -2.04
CA GLY B 278 6.39 29.68 -2.75
C GLY B 278 5.78 30.58 -3.80
N PRO B 279 6.55 31.57 -4.29
CA PRO B 279 6.10 32.52 -5.29
C PRO B 279 5.92 31.90 -6.68
N LYS B 280 6.85 31.03 -7.06
CA LYS B 280 6.80 30.36 -8.35
C LYS B 280 7.56 29.05 -8.30
N VAL B 281 7.38 28.23 -9.35
CA VAL B 281 8.13 27.00 -9.51
C VAL B 281 9.19 27.17 -10.59
N VAL B 282 10.45 26.91 -10.26
CA VAL B 282 11.53 27.07 -11.23
C VAL B 282 11.60 25.86 -12.16
N GLY B 283 11.18 24.70 -11.68
CA GLY B 283 11.18 23.49 -12.47
C GLY B 283 10.77 22.26 -11.68
N ILE B 284 10.43 21.19 -12.38
CA ILE B 284 10.06 19.93 -11.75
C ILE B 284 10.75 18.75 -12.43
N ASP B 285 11.31 17.86 -11.61
CA ASP B 285 11.97 16.66 -12.13
C ASP B 285 11.40 15.40 -11.46
N VAL B 286 10.77 14.54 -12.25
CA VAL B 286 10.26 13.26 -11.76
C VAL B 286 11.06 12.12 -12.36
N TYR B 287 11.78 11.40 -11.52
CA TYR B 287 12.78 10.44 -12.00
C TYR B 287 12.87 9.20 -11.11
N GLY B 288 13.87 8.36 -11.41
CA GLY B 288 14.14 7.18 -10.60
C GLY B 288 13.39 5.95 -11.08
N TYR B 289 12.57 6.12 -12.11
CA TYR B 289 11.74 5.03 -12.62
C TYR B 289 12.44 4.21 -13.70
N ASN B 290 12.56 2.91 -13.46
CA ASN B 290 13.12 1.97 -14.41
C ASN B 290 12.09 0.88 -14.75
N PRO B 291 11.64 0.85 -16.02
CA PRO B 291 10.61 -0.10 -16.46
C PRO B 291 10.98 -1.56 -16.22
N ASP B 292 12.29 -1.83 -16.20
CA ASP B 292 12.79 -3.19 -16.04
C ASP B 292 12.67 -3.69 -14.60
N LEU B 293 12.25 -2.81 -13.70
CA LEU B 293 12.19 -3.16 -12.27
C LEU B 293 10.77 -3.07 -11.72
N ASP B 294 9.80 -2.85 -12.60
CA ASP B 294 8.44 -2.61 -12.15
C ASP B 294 7.68 -3.91 -11.89
N VAL B 295 6.61 -3.80 -11.11
CA VAL B 295 5.64 -4.87 -11.00
C VAL B 295 4.58 -4.63 -12.06
N TYR B 296 4.26 -5.67 -12.83
CA TYR B 296 3.32 -5.51 -13.94
C TYR B 296 2.03 -6.27 -13.71
N ARG B 297 0.93 -5.63 -14.08
CA ARG B 297 -0.37 -6.30 -14.14
C ARG B 297 -0.34 -7.31 -15.28
N LYS B 298 -1.40 -8.10 -15.38
CA LYS B 298 -1.47 -9.13 -16.42
C LYS B 298 -1.47 -8.50 -17.81
N ASP B 299 -2.00 -7.28 -17.92
CA ASP B 299 -2.04 -6.57 -19.21
C ASP B 299 -0.76 -5.77 -19.46
N ASN B 300 0.26 -6.05 -18.66
CA ASN B 300 1.58 -5.43 -18.80
C ASN B 300 1.59 -3.91 -18.58
N VAL B 301 0.70 -3.44 -17.72
CA VAL B 301 0.80 -2.06 -17.25
C VAL B 301 1.60 -2.04 -15.95
N GLY B 302 2.57 -1.13 -15.87
CA GLY B 302 3.45 -1.05 -14.72
C GLY B 302 2.87 -0.23 -13.58
N LEU B 303 2.96 -0.77 -12.36
CA LEU B 303 2.42 -0.14 -11.17
C LEU B 303 3.03 1.23 -10.90
N THR B 304 4.35 1.33 -11.08
CA THR B 304 5.05 2.58 -10.83
C THR B 304 4.67 3.64 -11.85
N ALA B 305 4.39 3.22 -13.08
CA ALA B 305 3.94 4.14 -14.12
C ALA B 305 2.62 4.79 -13.73
N ILE B 306 1.74 4.00 -13.14
CA ILE B 306 0.44 4.46 -12.69
C ILE B 306 0.57 5.54 -11.61
N ALA B 307 1.41 5.27 -10.62
CA ALA B 307 1.61 6.20 -9.51
C ALA B 307 2.26 7.51 -9.97
N LEU B 308 3.26 7.40 -10.83
CA LEU B 308 4.04 8.56 -11.26
C LEU B 308 3.27 9.48 -12.20
N SER B 309 2.45 8.89 -13.06
CA SER B 309 1.60 9.67 -13.96
C SER B 309 0.74 10.65 -13.17
N LYS B 310 0.20 10.17 -12.05
CA LYS B 310 -0.61 10.99 -11.16
C LYS B 310 0.23 12.10 -10.50
N ILE B 311 1.43 11.74 -10.05
CA ILE B 311 2.31 12.70 -9.38
C ILE B 311 2.78 13.80 -10.34
N ILE B 312 3.03 13.43 -11.59
CA ILE B 312 3.38 14.41 -12.61
C ILE B 312 2.22 15.40 -12.82
N LYS B 313 1.01 14.87 -12.97
CA LYS B 313 -0.18 15.67 -13.18
C LYS B 313 -0.42 16.69 -12.07
N GLU B 314 -0.36 16.23 -10.82
CA GLU B 314 -0.59 17.11 -9.68
C GLU B 314 0.61 18.01 -9.43
N GLY B 315 1.77 17.61 -9.95
CA GLY B 315 2.95 18.46 -9.90
C GLY B 315 2.79 19.66 -10.82
N ILE B 316 2.22 19.42 -12.00
CA ILE B 316 1.95 20.48 -12.95
C ILE B 316 0.97 21.49 -12.36
N LEU B 317 -0.06 20.97 -11.71
CA LEU B 317 -1.05 21.79 -11.01
C LEU B 317 -0.40 22.72 -9.99
N LYS B 318 0.68 22.26 -9.38
CA LYS B 318 1.38 23.05 -8.36
C LYS B 318 2.02 24.30 -8.96
N ALA B 319 2.57 24.17 -10.16
CA ALA B 319 3.20 25.28 -10.84
C ALA B 319 2.20 26.38 -11.20
N TYR B 320 0.92 26.02 -11.24
CA TYR B 320 -0.13 26.96 -11.58
C TYR B 320 -0.82 27.60 -10.37
N SER B 321 -0.63 27.03 -9.19
CA SER B 321 -1.41 27.46 -8.03
C SER B 321 -0.58 27.82 -6.80
N ILE B 322 0.74 27.66 -6.88
CA ILE B 322 1.58 27.88 -5.71
C ILE B 322 1.55 29.34 -5.26
N SER B 323 1.57 29.55 -3.94
CA SER B 323 1.60 30.89 -3.37
C SER B 323 2.37 30.89 -2.05
N THR B 324 2.74 32.08 -1.59
CA THR B 324 3.49 32.23 -0.35
C THR B 324 2.60 32.07 0.88
N HIS B 325 1.30 32.07 0.66
CA HIS B 325 0.33 31.97 1.76
C HIS B 325 0.42 30.63 2.51
N THR B 326 0.55 30.72 3.84
CA THR B 326 0.59 29.54 4.69
C THR B 326 -0.81 28.96 4.89
N SER C 19 -32.93 -14.52 -21.32
CA SER C 19 -31.75 -15.25 -21.75
C SER C 19 -31.67 -16.63 -21.11
N HIS C 20 -31.42 -17.65 -21.93
CA HIS C 20 -31.32 -19.03 -21.45
C HIS C 20 -30.07 -19.26 -20.62
N MET C 21 -29.13 -18.32 -20.68
CA MET C 21 -27.88 -18.41 -19.94
C MET C 21 -28.11 -18.29 -18.43
N PHE C 22 -29.23 -17.70 -18.05
CA PHE C 22 -29.53 -17.45 -16.64
C PHE C 22 -30.61 -18.38 -16.11
N SER C 23 -31.05 -19.32 -16.93
CA SER C 23 -32.21 -20.15 -16.60
C SER C 23 -32.01 -20.98 -15.34
N LYS C 24 -30.92 -21.75 -15.28
CA LYS C 24 -30.65 -22.59 -14.12
C LYS C 24 -30.54 -21.77 -12.84
N PHE C 25 -29.89 -20.62 -12.94
CA PHE C 25 -29.73 -19.72 -11.81
C PHE C 25 -31.08 -19.15 -11.35
N LEU C 26 -31.82 -18.57 -12.29
CA LEU C 26 -33.07 -17.91 -11.98
C LEU C 26 -34.12 -18.88 -11.44
N MET C 27 -34.06 -20.14 -11.90
CA MET C 27 -34.99 -21.15 -11.43
C MET C 27 -34.70 -21.51 -9.97
N ASN C 28 -33.42 -21.55 -9.62
CA ASN C 28 -33.01 -21.84 -8.26
C ASN C 28 -33.36 -20.68 -7.32
N VAL C 29 -33.33 -19.47 -7.86
CA VAL C 29 -33.62 -18.26 -7.08
C VAL C 29 -35.08 -18.22 -6.61
N LYS C 30 -36.02 -18.48 -7.51
CA LYS C 30 -37.42 -18.44 -7.11
C LYS C 30 -37.89 -19.77 -6.53
N GLY C 31 -36.94 -20.66 -6.29
CA GLY C 31 -37.21 -21.89 -5.56
C GLY C 31 -36.71 -21.76 -4.13
N VAL C 32 -36.17 -20.58 -3.82
CA VAL C 32 -35.62 -20.30 -2.50
C VAL C 32 -36.73 -20.17 -1.44
N THR C 33 -36.57 -20.88 -0.33
CA THR C 33 -37.51 -20.78 0.77
C THR C 33 -37.50 -19.38 1.38
N PRO C 34 -38.68 -18.80 1.58
CA PRO C 34 -38.82 -17.45 2.15
C PRO C 34 -38.26 -17.32 3.57
N ARG C 35 -37.99 -16.08 3.96
CA ARG C 35 -37.52 -15.75 5.30
C ARG C 35 -38.49 -16.23 6.38
N GLY C 36 -38.00 -17.09 7.25
CA GLY C 36 -38.81 -17.68 8.31
C GLY C 36 -39.34 -16.66 9.30
N SER C 37 -40.30 -17.08 10.12
CA SER C 37 -40.92 -16.19 11.08
C SER C 37 -39.98 -15.88 12.24
N ASP C 38 -38.96 -16.72 12.41
CA ASP C 38 -38.01 -16.55 13.50
C ASP C 38 -37.03 -15.41 13.26
N TRP C 39 -37.13 -14.77 12.10
CA TRP C 39 -36.27 -13.65 11.72
C TRP C 39 -36.94 -12.31 12.04
N ALA C 40 -38.25 -12.33 12.31
CA ALA C 40 -39.05 -11.14 12.64
C ALA C 40 -38.31 -10.08 13.49
N ASN C 41 -38.21 -8.86 12.96
CA ASN C 41 -37.51 -7.72 13.58
C ASN C 41 -35.98 -7.81 13.60
N ARG C 42 -35.44 -8.93 13.12
CA ARG C 42 -33.99 -9.07 13.00
C ARG C 42 -33.56 -8.65 11.61
N LEU C 43 -32.32 -8.18 11.47
CA LEU C 43 -31.78 -7.84 10.16
C LEU C 43 -31.36 -9.11 9.43
N GLY C 44 -31.43 -9.07 8.09
CA GLY C 44 -31.07 -10.22 7.29
C GLY C 44 -32.28 -11.10 6.98
N PRO C 45 -32.03 -12.30 6.43
CA PRO C 45 -30.69 -12.80 6.09
C PRO C 45 -30.15 -12.22 4.79
N VAL C 46 -28.97 -12.69 4.38
CA VAL C 46 -28.31 -12.18 3.17
C VAL C 46 -28.30 -13.24 2.09
N ALA C 47 -28.60 -12.82 0.87
CA ALA C 47 -28.49 -13.68 -0.30
C ALA C 47 -27.39 -13.15 -1.21
N LEU C 48 -26.58 -14.06 -1.74
CA LEU C 48 -25.39 -13.68 -2.49
C LEU C 48 -25.36 -14.34 -3.87
N PHE C 49 -25.11 -13.55 -4.90
CA PHE C 49 -24.98 -14.10 -6.25
C PHE C 49 -23.88 -13.44 -7.06
N GLY C 50 -23.42 -14.13 -8.09
CA GLY C 50 -22.36 -13.63 -8.95
C GLY C 50 -22.90 -12.95 -10.20
N TYR C 51 -22.46 -11.73 -10.42
CA TYR C 51 -22.91 -10.90 -11.54
C TYR C 51 -21.71 -10.60 -12.43
N GLY C 52 -21.83 -10.89 -13.73
CA GLY C 52 -20.67 -10.80 -14.61
C GLY C 52 -20.73 -9.87 -15.81
N ALA C 53 -21.68 -8.93 -15.81
CA ALA C 53 -21.86 -8.03 -16.95
C ALA C 53 -20.66 -7.13 -17.18
N GLY C 54 -20.20 -7.06 -18.43
CA GLY C 54 -19.13 -6.16 -18.82
C GLY C 54 -17.72 -6.65 -18.46
N MET C 55 -17.64 -7.86 -17.90
CA MET C 55 -16.35 -8.41 -17.50
C MET C 55 -16.11 -9.74 -18.22
N PRO C 56 -14.85 -10.21 -18.28
CA PRO C 56 -14.54 -11.49 -18.92
C PRO C 56 -15.40 -12.64 -18.43
N ARG C 57 -15.66 -13.60 -19.30
CA ARG C 57 -16.54 -14.73 -19.00
C ARG C 57 -16.10 -15.45 -17.73
N ARG C 58 -14.80 -15.69 -17.61
CA ARG C 58 -14.27 -16.28 -16.39
C ARG C 58 -14.23 -15.23 -15.28
N ALA C 59 -15.08 -15.42 -14.27
CA ALA C 59 -15.22 -14.48 -13.15
C ALA C 59 -15.01 -15.18 -11.82
N PRO C 60 -13.78 -15.16 -11.30
CA PRO C 60 -13.39 -15.98 -10.15
C PRO C 60 -13.71 -15.38 -8.78
N LEU C 61 -14.18 -14.13 -8.72
CA LEU C 61 -14.35 -13.43 -7.45
C LEU C 61 -15.28 -14.13 -6.47
N LEU C 62 -16.42 -14.62 -6.96
CA LEU C 62 -17.39 -15.29 -6.09
C LEU C 62 -16.79 -16.56 -5.50
N ASP C 63 -16.17 -17.37 -6.35
CA ASP C 63 -15.51 -18.59 -5.90
C ASP C 63 -14.41 -18.29 -4.88
N PHE C 64 -13.65 -17.24 -5.12
CA PHE C 64 -12.55 -16.92 -4.21
C PHE C 64 -13.10 -16.49 -2.85
N PHE C 65 -14.19 -15.72 -2.85
CA PHE C 65 -14.81 -15.29 -1.60
C PHE C 65 -15.35 -16.47 -0.81
N LEU C 66 -16.01 -17.40 -1.49
CA LEU C 66 -16.62 -18.56 -0.82
C LEU C 66 -15.58 -19.45 -0.15
N GLN C 67 -14.34 -19.43 -0.64
CA GLN C 67 -13.29 -20.24 -0.04
C GLN C 67 -12.44 -19.43 0.96
N SER C 68 -12.81 -18.18 1.19
CA SER C 68 -12.10 -17.32 2.13
C SER C 68 -12.53 -17.59 3.57
N PRO C 69 -11.67 -17.26 4.55
CA PRO C 69 -12.01 -17.45 5.97
C PRO C 69 -13.30 -16.72 6.37
N ARG C 70 -14.02 -17.26 7.35
CA ARG C 70 -15.36 -16.80 7.67
C ARG C 70 -15.41 -15.74 8.77
N ASP C 71 -14.35 -15.63 9.55
CA ASP C 71 -14.34 -14.68 10.66
C ASP C 71 -14.04 -13.26 10.20
N CYS C 72 -14.75 -12.29 10.79
CA CYS C 72 -14.65 -10.89 10.39
C CYS C 72 -13.78 -10.09 11.35
N ASP C 73 -13.58 -8.81 11.03
CA ASP C 73 -12.91 -7.87 11.92
C ASP C 73 -13.63 -7.84 13.25
N HIS C 74 -14.87 -7.38 13.21
CA HIS C 74 -15.74 -7.44 14.36
C HIS C 74 -16.13 -8.90 14.58
N TYR C 75 -16.16 -9.29 15.85
CA TYR C 75 -16.14 -10.69 16.22
C TYR C 75 -17.42 -11.42 15.88
N ALA C 76 -17.59 -11.67 14.58
CA ALA C 76 -18.70 -12.45 14.06
C ALA C 76 -18.16 -13.42 13.01
N GLU C 77 -19.02 -14.31 12.53
CA GLU C 77 -18.59 -15.37 11.63
C GLU C 77 -19.63 -15.68 10.57
N LEU C 78 -19.21 -15.67 9.30
CA LEU C 78 -20.10 -16.02 8.20
C LEU C 78 -20.42 -17.51 8.20
N THR C 79 -21.68 -17.84 7.92
CA THR C 79 -22.05 -19.22 7.64
C THR C 79 -22.71 -19.25 6.25
N ILE C 80 -22.16 -20.07 5.36
CA ILE C 80 -22.63 -20.11 3.99
C ILE C 80 -23.51 -21.33 3.72
N HIS C 81 -24.66 -21.10 3.09
CA HIS C 81 -25.59 -22.18 2.78
C HIS C 81 -26.01 -22.14 1.31
N ASP C 82 -26.03 -23.29 0.65
CA ASP C 82 -26.42 -23.35 -0.75
C ASP C 82 -27.92 -23.56 -0.92
N LYS C 83 -28.61 -23.79 0.19
CA LYS C 83 -30.06 -23.96 0.16
C LYS C 83 -30.67 -23.65 1.52
N GLY C 84 -31.96 -23.32 1.52
CA GLY C 84 -32.68 -23.05 2.75
C GLY C 84 -33.16 -24.32 3.42
N PRO C 85 -33.93 -24.18 4.53
CA PRO C 85 -34.31 -22.91 5.16
C PRO C 85 -33.17 -22.29 5.96
N ILE C 86 -33.11 -20.96 5.97
CA ILE C 86 -32.09 -20.24 6.72
C ILE C 86 -32.49 -20.06 8.17
N GLU C 87 -31.93 -20.88 9.04
CA GLU C 87 -32.20 -20.79 10.48
C GLU C 87 -31.69 -19.47 11.04
N CYS C 88 -32.56 -18.75 11.74
CA CYS C 88 -32.15 -17.53 12.42
C CYS C 88 -31.37 -17.89 13.68
N PRO C 89 -30.12 -17.42 13.77
CA PRO C 89 -29.25 -17.74 14.90
C PRO C 89 -29.69 -17.02 16.18
N PRO C 90 -29.50 -17.66 17.34
CA PRO C 90 -29.79 -17.05 18.65
C PRO C 90 -28.86 -15.87 18.93
N GLU C 91 -29.19 -15.07 19.94
CA GLU C 91 -28.41 -13.86 20.25
C GLU C 91 -26.97 -14.19 20.63
N THR C 92 -26.79 -15.30 21.34
CA THR C 92 -25.49 -15.68 21.86
C THR C 92 -24.56 -16.24 20.79
N VAL C 93 -25.14 -16.70 19.68
CA VAL C 93 -24.34 -17.21 18.57
C VAL C 93 -24.07 -16.10 17.55
N MET C 94 -22.81 -15.71 17.44
CA MET C 94 -22.40 -14.68 16.49
C MET C 94 -22.30 -15.23 15.07
N PHE C 95 -23.41 -15.73 14.56
CA PHE C 95 -23.46 -16.28 13.21
C PHE C 95 -24.12 -15.28 12.25
N MET C 96 -23.63 -15.23 11.02
CA MET C 96 -24.24 -14.39 10.00
C MET C 96 -24.51 -15.20 8.74
N PRO C 97 -25.71 -15.77 8.64
CA PRO C 97 -26.10 -16.65 7.53
C PRO C 97 -26.03 -15.96 6.18
N VAL C 98 -25.46 -16.64 5.20
CA VAL C 98 -25.44 -16.16 3.83
C VAL C 98 -25.95 -17.25 2.90
N LEU C 99 -26.92 -16.91 2.07
CA LEU C 99 -27.44 -17.85 1.09
C LEU C 99 -26.71 -17.68 -0.24
N ASN C 100 -25.85 -18.64 -0.57
CA ASN C 100 -25.11 -18.62 -1.83
C ASN C 100 -26.00 -19.03 -3.00
N CYS C 101 -26.28 -18.09 -3.89
CA CYS C 101 -27.10 -18.37 -5.07
C CYS C 101 -26.25 -18.66 -6.30
N GLY C 102 -24.94 -18.65 -6.11
CA GLY C 102 -24.01 -18.99 -7.18
C GLY C 102 -23.96 -17.97 -8.29
N GLN C 103 -23.31 -18.34 -9.40
CA GLN C 103 -23.14 -17.47 -10.56
C GLN C 103 -24.42 -17.31 -11.37
N MET C 104 -24.72 -16.07 -11.77
CA MET C 104 -25.90 -15.82 -12.60
C MET C 104 -25.74 -16.46 -13.96
N LEU C 105 -24.61 -16.19 -14.61
CA LEU C 105 -24.34 -16.80 -15.92
C LEU C 105 -23.85 -18.23 -15.75
N ASP C 106 -24.62 -19.17 -16.29
CA ASP C 106 -24.24 -20.57 -16.28
C ASP C 106 -23.31 -20.87 -17.44
N GLU C 107 -22.02 -21.02 -17.14
CA GLU C 107 -21.05 -21.40 -18.16
C GLU C 107 -21.40 -22.77 -18.73
N ALA C 108 -20.98 -23.01 -19.98
CA ALA C 108 -21.27 -24.24 -20.70
C ALA C 108 -22.77 -24.43 -20.91
N ALA C 109 -23.50 -23.32 -20.96
CA ALA C 109 -24.89 -23.33 -21.43
C ALA C 109 -24.88 -22.67 -22.80
N GLY C 110 -23.68 -22.51 -23.34
CA GLY C 110 -23.46 -21.86 -24.62
C GLY C 110 -22.37 -20.81 -24.51
N THR C 111 -21.85 -20.39 -25.66
CA THR C 111 -20.79 -19.39 -25.69
C THR C 111 -21.38 -17.99 -25.89
N GLU C 112 -22.71 -17.88 -25.77
CA GLU C 112 -23.38 -16.60 -25.98
C GLU C 112 -23.04 -15.60 -24.89
N THR C 113 -22.84 -14.36 -25.29
CA THR C 113 -22.64 -13.27 -24.34
C THR C 113 -23.92 -12.48 -24.17
N PRO C 114 -24.52 -12.55 -22.96
CA PRO C 114 -25.74 -11.80 -22.66
C PRO C 114 -25.59 -10.32 -22.92
N THR C 115 -26.60 -9.71 -23.54
CA THR C 115 -26.59 -8.28 -23.79
C THR C 115 -26.73 -7.51 -22.49
N SER C 116 -26.56 -6.19 -22.57
CA SER C 116 -26.69 -5.34 -21.39
C SER C 116 -28.12 -5.41 -20.83
N ASP C 117 -29.09 -5.44 -21.73
CA ASP C 117 -30.49 -5.50 -21.35
C ASP C 117 -30.83 -6.85 -20.72
N GLU C 118 -30.22 -7.90 -21.25
CA GLU C 118 -30.42 -9.24 -20.70
C GLU C 118 -29.84 -9.36 -19.30
N TRP C 119 -28.67 -8.75 -19.09
CA TRP C 119 -28.07 -8.70 -17.76
C TRP C 119 -28.98 -7.95 -16.80
N TYR C 120 -29.55 -6.85 -17.29
CA TYR C 120 -30.44 -6.02 -16.49
C TYR C 120 -31.69 -6.79 -16.05
N LEU C 121 -32.33 -7.45 -17.01
CA LEU C 121 -33.55 -8.20 -16.74
C LEU C 121 -33.29 -9.39 -15.82
N GLY C 122 -32.15 -10.03 -16.00
CA GLY C 122 -31.78 -11.17 -15.18
C GLY C 122 -31.48 -10.74 -13.75
N SER C 123 -30.80 -9.61 -13.63
CA SER C 123 -30.46 -9.04 -12.33
C SER C 123 -31.69 -8.49 -11.61
N LEU C 124 -32.54 -7.80 -12.38
CA LEU C 124 -33.77 -7.23 -11.84
C LEU C 124 -34.68 -8.29 -11.23
N GLU C 125 -34.85 -9.40 -11.96
CA GLU C 125 -35.74 -10.47 -11.52
C GLU C 125 -35.19 -11.19 -10.29
N ALA C 126 -33.89 -11.48 -10.30
CA ALA C 126 -33.24 -12.15 -9.17
C ALA C 126 -33.37 -11.30 -7.91
N SER C 127 -33.15 -9.99 -8.06
CA SER C 127 -33.25 -9.06 -6.93
C SER C 127 -34.68 -8.95 -6.42
N THR C 128 -35.63 -8.84 -7.35
CA THR C 128 -37.05 -8.77 -7.01
C THR C 128 -37.44 -9.99 -6.20
N GLU C 129 -36.99 -11.14 -6.68
CA GLU C 129 -37.29 -12.41 -6.05
C GLU C 129 -36.69 -12.51 -4.65
N LEU C 130 -35.42 -12.15 -4.51
CA LEU C 130 -34.73 -12.22 -3.22
C LEU C 130 -35.31 -11.25 -2.20
N LEU C 131 -35.54 -10.01 -2.63
CA LEU C 131 -36.09 -8.97 -1.77
C LEU C 131 -37.50 -9.32 -1.27
N GLU C 132 -38.30 -9.90 -2.16
CA GLU C 132 -39.67 -10.27 -1.83
C GLU C 132 -39.69 -11.37 -0.77
N LYS C 133 -38.64 -12.18 -0.75
CA LYS C 133 -38.55 -13.28 0.19
C LYS C 133 -37.81 -12.89 1.45
N GLY C 134 -37.54 -11.59 1.59
CA GLY C 134 -36.97 -11.05 2.82
C GLY C 134 -35.46 -11.08 2.92
N TYR C 135 -34.79 -11.32 1.78
CA TYR C 135 -33.33 -11.37 1.75
C TYR C 135 -32.72 -10.02 1.38
N VAL C 136 -31.58 -9.71 1.99
CA VAL C 136 -30.76 -8.58 1.55
C VAL C 136 -29.81 -9.07 0.47
N PRO C 137 -30.00 -8.60 -0.77
CA PRO C 137 -29.21 -9.08 -1.90
C PRO C 137 -27.82 -8.47 -1.93
N VAL C 138 -26.82 -9.30 -2.18
CA VAL C 138 -25.45 -8.83 -2.36
C VAL C 138 -24.92 -9.36 -3.68
N SER C 139 -24.58 -8.44 -4.58
CA SER C 139 -24.11 -8.81 -5.91
C SER C 139 -22.60 -8.60 -6.03
N VAL C 140 -21.93 -9.56 -6.66
CA VAL C 140 -20.48 -9.58 -6.69
C VAL C 140 -19.92 -9.75 -8.11
N GLY C 141 -19.14 -8.77 -8.56
CA GLY C 141 -18.55 -8.81 -9.88
C GLY C 141 -19.25 -7.86 -10.83
N GLY C 142 -18.87 -7.92 -12.11
CA GLY C 142 -19.51 -7.10 -13.12
C GLY C 142 -18.99 -5.67 -13.16
N ASP C 143 -19.74 -4.81 -13.85
CA ASP C 143 -19.26 -3.47 -14.15
C ASP C 143 -20.01 -2.35 -13.42
N GLY C 144 -20.90 -2.73 -12.50
CA GLY C 144 -21.64 -1.74 -11.72
C GLY C 144 -23.08 -1.55 -12.14
N SER C 145 -23.46 -2.17 -13.26
CA SER C 145 -24.82 -2.06 -13.78
C SER C 145 -25.82 -2.73 -12.86
N ALA C 146 -25.34 -3.64 -12.01
CA ALA C 146 -26.21 -4.33 -11.05
C ALA C 146 -26.81 -3.35 -10.04
N THR C 147 -26.10 -2.27 -9.75
CA THR C 147 -26.61 -1.25 -8.84
C THR C 147 -27.93 -0.69 -9.36
N LEU C 148 -28.00 -0.43 -10.66
CA LEU C 148 -29.22 0.07 -11.29
C LEU C 148 -30.40 -0.89 -11.10
N SER C 149 -30.21 -2.14 -11.51
CA SER C 149 -31.29 -3.12 -11.47
C SER C 149 -31.69 -3.50 -10.04
N MET C 150 -30.76 -3.41 -9.10
CA MET C 150 -31.03 -3.82 -7.73
C MET C 150 -31.87 -2.81 -6.96
N VAL C 151 -31.57 -1.53 -7.08
CA VAL C 151 -32.34 -0.54 -6.32
C VAL C 151 -33.66 -0.24 -7.01
N GLU C 152 -33.76 -0.55 -8.30
CA GLU C 152 -35.03 -0.45 -9.00
C GLU C 152 -35.96 -1.58 -8.58
N ALA C 153 -35.38 -2.74 -8.28
CA ALA C 153 -36.17 -3.87 -7.80
C ALA C 153 -36.71 -3.57 -6.41
N TYR C 154 -35.93 -2.82 -5.63
CA TYR C 154 -36.36 -2.41 -4.30
C TYR C 154 -37.43 -1.34 -4.38
N LYS C 155 -37.27 -0.41 -5.32
CA LYS C 155 -38.22 0.68 -5.47
C LYS C 155 -39.56 0.16 -5.98
N ARG C 156 -39.51 -0.92 -6.76
CA ARG C 156 -40.73 -1.56 -7.23
C ARG C 156 -41.52 -2.16 -6.06
N LEU C 157 -40.84 -2.95 -5.24
CA LEU C 157 -41.49 -3.64 -4.13
C LEU C 157 -41.86 -2.68 -2.99
N PHE C 158 -41.01 -1.70 -2.74
CA PHE C 158 -41.24 -0.76 -1.64
C PHE C 158 -41.23 0.68 -2.15
N PRO C 159 -42.32 1.10 -2.80
CA PRO C 159 -42.42 2.41 -3.45
C PRO C 159 -42.34 3.58 -2.48
N SER C 160 -42.73 3.35 -1.22
CA SER C 160 -42.78 4.42 -0.24
C SER C 160 -41.42 4.69 0.41
N ASP C 161 -40.54 3.70 0.40
CA ASP C 161 -39.24 3.83 1.03
C ASP C 161 -38.33 4.82 0.29
N ASP C 162 -37.62 5.63 1.05
CA ASP C 162 -36.62 6.53 0.48
C ASP C 162 -35.26 5.81 0.43
N ILE C 163 -34.62 5.85 -0.73
CA ILE C 163 -33.32 5.19 -0.89
C ILE C 163 -32.20 6.20 -1.03
N VAL C 164 -31.13 5.98 -0.28
CA VAL C 164 -29.90 6.75 -0.43
C VAL C 164 -28.77 5.80 -0.78
N ILE C 165 -27.92 6.19 -1.74
CA ILE C 165 -26.80 5.35 -2.14
C ILE C 165 -25.47 5.89 -1.64
N VAL C 166 -24.69 5.03 -0.99
CA VAL C 166 -23.31 5.35 -0.67
C VAL C 166 -22.41 4.71 -1.73
N HIS C 167 -21.81 5.54 -2.57
CA HIS C 167 -21.06 5.06 -3.73
C HIS C 167 -19.56 5.27 -3.56
N PHE C 168 -18.81 4.19 -3.53
CA PHE C 168 -17.34 4.26 -3.48
C PHE C 168 -16.78 4.10 -4.88
N ASP C 169 -16.05 5.10 -5.34
CA ASP C 169 -15.55 5.14 -6.71
C ASP C 169 -14.44 6.18 -6.89
N ALA C 170 -13.47 5.87 -7.74
CA ALA C 170 -12.41 6.82 -8.05
C ALA C 170 -12.95 8.03 -8.81
N ARG C 171 -14.04 7.83 -9.54
CA ARG C 171 -14.64 8.91 -10.31
C ARG C 171 -16.15 8.91 -10.17
N PRO C 172 -16.76 10.10 -10.24
CA PRO C 172 -18.22 10.23 -10.03
C PRO C 172 -19.04 9.29 -10.92
N ASP C 173 -18.63 9.10 -12.17
CA ASP C 173 -19.32 8.21 -13.11
C ASP C 173 -20.80 8.56 -13.24
N VAL C 174 -21.09 9.84 -13.39
CA VAL C 174 -22.47 10.29 -13.53
C VAL C 174 -22.62 11.29 -14.69
N SER C 175 -21.53 11.52 -15.42
CA SER C 175 -21.57 12.46 -16.54
C SER C 175 -22.20 11.80 -17.77
N ASP C 176 -22.15 10.47 -17.82
CA ASP C 176 -22.79 9.72 -18.88
C ASP C 176 -24.23 9.42 -18.50
N PRO C 177 -25.19 9.85 -19.33
CA PRO C 177 -26.62 9.61 -19.09
C PRO C 177 -26.97 8.12 -19.04
N ARG C 178 -26.12 7.26 -19.60
CA ARG C 178 -26.37 5.82 -19.58
C ARG C 178 -25.78 5.13 -18.35
N SER C 179 -24.98 5.87 -17.58
CA SER C 179 -24.39 5.34 -16.36
C SER C 179 -25.49 4.98 -15.35
N PRO C 180 -25.33 3.83 -14.68
CA PRO C 180 -26.33 3.29 -13.73
C PRO C 180 -26.77 4.31 -12.68
N LEU C 181 -25.83 5.02 -12.10
CA LEU C 181 -26.14 5.99 -11.05
C LEU C 181 -26.86 7.22 -11.61
N ARG C 182 -26.49 7.61 -12.83
CA ARG C 182 -27.11 8.74 -13.49
C ARG C 182 -28.57 8.46 -13.82
N VAL C 183 -28.84 7.26 -14.32
CA VAL C 183 -30.20 6.83 -14.63
C VAL C 183 -31.09 6.89 -13.38
N LEU C 184 -30.55 6.43 -12.25
CA LEU C 184 -31.27 6.43 -11.00
C LEU C 184 -31.61 7.85 -10.52
N LEU C 185 -30.68 8.77 -10.76
CA LEU C 185 -30.89 10.16 -10.39
C LEU C 185 -31.86 10.83 -11.36
N ASP C 186 -31.73 10.50 -12.63
CA ASP C 186 -32.62 11.05 -13.66
C ASP C 186 -34.07 10.59 -13.46
N LYS C 187 -34.23 9.34 -13.07
CA LYS C 187 -35.56 8.78 -12.85
C LYS C 187 -36.15 9.20 -11.50
N GLY C 188 -35.37 9.94 -10.73
CA GLY C 188 -35.82 10.46 -9.45
C GLY C 188 -36.14 9.38 -8.44
N LEU C 189 -35.38 8.28 -8.47
CA LEU C 189 -35.59 7.17 -7.58
C LEU C 189 -34.77 7.29 -6.30
N LEU C 190 -33.87 8.26 -6.27
CA LEU C 190 -32.93 8.40 -5.17
C LEU C 190 -33.25 9.59 -4.28
N LYS C 191 -33.26 9.36 -2.97
CA LYS C 191 -33.42 10.46 -2.02
C LYS C 191 -32.13 11.27 -1.93
N GLY C 192 -31.00 10.57 -1.95
CA GLY C 192 -29.70 11.23 -1.88
C GLY C 192 -28.55 10.31 -2.27
N VAL C 193 -27.41 10.91 -2.63
CA VAL C 193 -26.23 10.14 -3.01
C VAL C 193 -24.99 10.67 -2.32
N VAL C 194 -24.24 9.78 -1.68
CA VAL C 194 -22.96 10.15 -1.07
C VAL C 194 -21.82 9.47 -1.80
N SER C 195 -21.10 10.24 -2.62
CA SER C 195 -19.93 9.72 -3.34
C SER C 195 -18.69 9.81 -2.47
N VAL C 196 -17.98 8.68 -2.33
CA VAL C 196 -16.81 8.62 -1.47
C VAL C 196 -15.57 8.23 -2.26
N GLY C 197 -14.51 9.02 -2.12
CA GLY C 197 -13.22 8.68 -2.68
C GLY C 197 -12.90 9.18 -4.08
N ASN C 198 -13.75 10.02 -4.66
CA ASN C 198 -13.50 10.55 -6.00
C ASN C 198 -12.20 11.33 -6.06
N ARG C 199 -11.43 11.11 -7.13
CA ARG C 199 -10.18 11.84 -7.33
C ARG C 199 -9.93 12.13 -8.80
N GLN C 200 -10.96 11.90 -9.62
CA GLN C 200 -10.91 12.24 -11.04
C GLN C 200 -12.25 12.86 -11.46
N VAL C 201 -12.46 14.10 -11.06
CA VAL C 201 -13.74 14.76 -11.25
C VAL C 201 -13.70 15.71 -12.44
N SER C 202 -14.53 15.44 -13.44
CA SER C 202 -14.58 16.26 -14.65
C SER C 202 -15.49 17.47 -14.47
N SER C 203 -15.45 18.37 -15.44
CA SER C 203 -16.31 19.55 -15.42
C SER C 203 -17.78 19.16 -15.48
N GLU C 204 -18.12 18.21 -16.33
CA GLU C 204 -19.50 17.72 -16.44
C GLU C 204 -19.96 17.04 -15.16
N ASP C 205 -19.04 16.33 -14.51
CA ASP C 205 -19.33 15.70 -13.23
C ASP C 205 -19.79 16.75 -12.21
N ARG C 206 -19.12 17.90 -12.22
CA ARG C 206 -19.44 18.97 -11.29
C ARG C 206 -20.84 19.54 -11.53
N LYS C 207 -21.27 19.57 -12.78
CA LYS C 207 -22.60 20.07 -13.11
C LYS C 207 -23.68 19.11 -12.61
N VAL C 208 -23.48 17.83 -12.85
CA VAL C 208 -24.43 16.81 -12.41
C VAL C 208 -24.49 16.79 -10.88
N ARG C 209 -23.36 17.08 -10.25
CA ARG C 209 -23.28 17.20 -8.80
C ARG C 209 -24.21 18.28 -8.26
N LYS C 210 -24.11 19.47 -8.83
CA LYS C 210 -24.92 20.61 -8.40
C LYS C 210 -26.39 20.40 -8.78
N LEU C 211 -26.62 19.83 -9.96
CA LEU C 211 -27.97 19.61 -10.45
C LEU C 211 -28.75 18.63 -9.59
N HIS C 212 -28.12 17.50 -9.23
CA HIS C 212 -28.78 16.48 -8.43
C HIS C 212 -28.46 16.62 -6.95
N LYS C 213 -27.77 17.70 -6.61
CA LYS C 213 -27.47 18.03 -5.21
C LYS C 213 -26.76 16.90 -4.48
N MET C 214 -25.81 16.27 -5.17
CA MET C 214 -25.06 15.15 -4.60
C MET C 214 -24.09 15.59 -3.51
N PHE C 215 -23.98 14.77 -2.47
CA PHE C 215 -22.95 14.97 -1.45
C PHE C 215 -21.74 14.13 -1.81
N TYR C 216 -20.54 14.71 -1.68
CA TYR C 216 -19.32 14.01 -2.08
C TYR C 216 -18.18 14.20 -1.07
N MET C 217 -17.32 13.19 -0.99
CA MET C 217 -16.14 13.24 -0.13
C MET C 217 -14.90 12.75 -0.87
N ASP C 218 -14.25 13.69 -1.56
CA ASP C 218 -13.10 13.37 -2.42
C ASP C 218 -11.88 12.93 -1.62
N MET C 219 -10.99 12.19 -2.29
CA MET C 219 -9.79 11.63 -1.66
C MET C 219 -8.94 12.68 -0.94
N HIS C 220 -8.58 13.74 -1.65
CA HIS C 220 -7.68 14.74 -1.09
C HIS C 220 -8.28 15.37 0.17
N ALA C 221 -9.60 15.53 0.18
CA ALA C 221 -10.31 16.18 1.29
C ALA C 221 -10.35 15.30 2.54
N ILE C 222 -10.80 14.06 2.38
CA ILE C 222 -10.91 13.12 3.49
C ILE C 222 -9.55 12.68 4.02
N TYR C 223 -8.54 12.73 3.18
CA TYR C 223 -7.19 12.39 3.62
C TYR C 223 -6.64 13.45 4.55
N SER C 224 -6.78 14.72 4.18
CA SER C 224 -6.21 15.81 4.96
C SER C 224 -6.96 16.03 6.27
N LYS C 225 -8.23 15.62 6.31
CA LYS C 225 -9.01 15.75 7.54
C LYS C 225 -8.70 14.58 8.47
N GLY C 226 -8.05 13.56 7.93
CA GLY C 226 -7.82 12.34 8.69
C GLY C 226 -8.90 11.30 8.43
N LEU C 227 -8.47 10.20 7.80
CA LEU C 227 -9.37 9.13 7.38
C LEU C 227 -10.03 8.41 8.56
N PHE C 228 -9.24 8.16 9.61
CA PHE C 228 -9.73 7.51 10.81
C PHE C 228 -10.57 8.45 11.66
N CYS C 229 -10.51 9.75 11.33
CA CYS C 229 -11.31 10.74 12.03
C CYS C 229 -12.75 10.76 11.50
N ILE C 230 -13.02 9.92 10.51
CA ILE C 230 -14.38 9.71 10.04
C ILE C 230 -15.06 8.66 10.93
N ARG C 231 -15.98 9.12 11.79
CA ARG C 231 -16.63 8.21 12.72
C ARG C 231 -17.88 7.58 12.10
N ASP C 232 -18.64 8.39 11.37
CA ASP C 232 -19.84 7.86 10.73
C ASP C 232 -20.32 8.71 9.55
N ILE C 233 -21.16 8.09 8.72
CA ILE C 233 -21.88 8.78 7.67
C ILE C 233 -23.36 8.74 8.04
N ARG C 234 -23.81 9.82 8.69
CA ARG C 234 -25.15 9.89 9.27
C ARG C 234 -26.25 9.76 8.23
N ASN C 235 -27.24 8.92 8.52
CA ASN C 235 -28.34 8.69 7.58
C ASN C 235 -29.52 7.98 8.25
N ASP C 236 -30.74 8.37 7.89
CA ASP C 236 -31.93 7.79 8.49
C ASP C 236 -32.70 6.90 7.51
N TYR C 237 -32.32 6.98 6.24
CA TYR C 237 -32.99 6.23 5.18
C TYR C 237 -32.24 4.95 4.86
N PRO C 238 -32.96 3.93 4.36
CA PRO C 238 -32.33 2.68 3.91
C PRO C 238 -31.21 2.93 2.90
N VAL C 239 -30.04 2.35 3.14
CA VAL C 239 -28.87 2.63 2.30
C VAL C 239 -28.51 1.47 1.36
N PHE C 240 -28.20 1.81 0.12
CA PHE C 240 -27.60 0.85 -0.80
C PHE C 240 -26.11 1.13 -0.85
N ILE C 241 -25.31 0.06 -0.78
CA ILE C 241 -23.85 0.21 -0.80
C ILE C 241 -23.29 -0.23 -2.14
N SER C 242 -22.80 0.72 -2.92
CA SER C 242 -22.23 0.46 -4.23
C SER C 242 -20.72 0.72 -4.20
N ILE C 243 -19.94 -0.33 -4.44
CA ILE C 243 -18.50 -0.24 -4.28
C ILE C 243 -17.73 -0.62 -5.54
N ASP C 244 -17.20 0.39 -6.22
CA ASP C 244 -16.30 0.16 -7.34
C ASP C 244 -14.90 -0.09 -6.78
N ALA C 245 -14.24 -1.13 -7.27
CA ALA C 245 -12.90 -1.47 -6.83
C ALA C 245 -11.90 -0.34 -7.11
N SER C 246 -12.24 0.52 -8.06
CA SER C 246 -11.35 1.60 -8.46
C SER C 246 -11.15 2.62 -7.35
N VAL C 247 -12.00 2.58 -6.33
CA VAL C 247 -11.90 3.52 -5.22
C VAL C 247 -10.61 3.23 -4.44
N LEU C 248 -10.14 1.99 -4.50
CA LEU C 248 -8.91 1.59 -3.83
C LEU C 248 -7.69 2.00 -4.65
N ASP C 249 -6.57 2.21 -3.98
CA ASP C 249 -5.33 2.52 -4.68
C ASP C 249 -4.92 1.30 -5.50
N PRO C 250 -4.35 1.54 -6.69
CA PRO C 250 -3.85 0.45 -7.56
C PRO C 250 -2.89 -0.51 -6.84
N ALA C 251 -2.28 -0.08 -5.74
CA ALA C 251 -1.40 -0.96 -4.99
C ALA C 251 -2.20 -2.05 -4.26
N PHE C 252 -3.47 -1.76 -3.99
CA PHE C 252 -4.34 -2.71 -3.30
C PHE C 252 -5.30 -3.40 -4.27
N ALA C 253 -5.84 -2.63 -5.22
CA ALA C 253 -6.74 -3.18 -6.23
C ALA C 253 -6.34 -2.74 -7.63
N PRO C 254 -5.28 -3.36 -8.18
CA PRO C 254 -4.79 -2.98 -9.52
C PRO C 254 -5.72 -3.38 -10.67
N ALA C 255 -6.62 -4.34 -10.44
CA ALA C 255 -7.40 -4.94 -11.52
C ALA C 255 -8.59 -4.09 -11.97
N VAL C 256 -8.33 -2.81 -12.25
CA VAL C 256 -9.39 -1.92 -12.73
C VAL C 256 -8.99 -1.21 -14.02
N ASP C 257 -9.97 -0.93 -14.86
CA ASP C 257 -9.73 -0.19 -16.09
C ASP C 257 -9.45 1.27 -15.74
N SER C 258 -8.39 1.83 -16.34
CA SER C 258 -7.95 3.20 -16.07
C SER C 258 -7.76 3.48 -14.58
N PRO C 259 -6.75 2.84 -13.96
CA PRO C 259 -6.48 3.00 -12.53
C PRO C 259 -6.12 4.44 -12.16
N VAL C 260 -6.58 4.90 -11.00
CA VAL C 260 -6.24 6.22 -10.51
C VAL C 260 -5.43 6.12 -9.22
N ALA C 261 -4.15 6.49 -9.29
CA ALA C 261 -3.28 6.44 -8.13
C ALA C 261 -3.74 7.44 -7.07
N GLY C 262 -3.36 7.20 -5.82
CA GLY C 262 -3.74 8.08 -4.73
C GLY C 262 -5.08 7.71 -4.13
N GLY C 263 -5.34 6.41 -4.01
CA GLY C 263 -6.62 5.95 -3.53
C GLY C 263 -6.63 5.42 -2.11
N LEU C 264 -7.77 4.85 -1.72
CA LEU C 264 -7.93 4.28 -0.39
C LEU C 264 -7.18 2.96 -0.26
N SER C 265 -6.64 2.71 0.93
CA SER C 265 -6.16 1.37 1.25
C SER C 265 -7.37 0.50 1.54
N THR C 266 -7.17 -0.81 1.55
CA THR C 266 -8.28 -1.71 1.87
C THR C 266 -8.79 -1.42 3.28
N ARG C 267 -7.86 -1.13 4.20
CA ARG C 267 -8.24 -0.80 5.56
C ARG C 267 -9.01 0.53 5.64
N ASP C 268 -8.54 1.54 4.89
CA ASP C 268 -9.25 2.81 4.80
C ASP C 268 -10.71 2.59 4.40
N LEU C 269 -10.91 1.77 3.39
CA LEU C 269 -12.25 1.50 2.88
C LEU C 269 -13.11 0.80 3.93
N LEU C 270 -12.53 -0.20 4.58
CA LEU C 270 -13.23 -0.96 5.62
C LEU C 270 -13.70 -0.06 6.75
N HIS C 271 -12.85 0.89 7.15
CA HIS C 271 -13.18 1.83 8.21
C HIS C 271 -14.35 2.74 7.83
N ILE C 272 -14.32 3.27 6.62
CA ILE C 272 -15.38 4.17 6.17
C ILE C 272 -16.70 3.40 6.03
N MET C 273 -16.63 2.18 5.50
CA MET C 273 -17.78 1.30 5.43
C MET C 273 -18.43 1.09 6.79
N ASN C 274 -17.60 0.89 7.81
CA ASN C 274 -18.09 0.61 9.15
C ASN C 274 -18.83 1.81 9.75
N GLY C 275 -18.59 2.99 9.18
CA GLY C 275 -19.22 4.20 9.66
C GLY C 275 -20.60 4.44 9.10
N ILE C 276 -20.97 3.68 8.07
CA ILE C 276 -22.28 3.80 7.43
C ILE C 276 -23.42 3.63 8.44
N ARG C 277 -24.35 4.56 8.46
CA ARG C 277 -25.48 4.48 9.37
C ARG C 277 -26.79 4.39 8.58
N GLY C 278 -27.78 3.73 9.17
CA GLY C 278 -29.08 3.59 8.53
C GLY C 278 -29.94 2.51 9.18
N PRO C 279 -31.23 2.51 8.86
CA PRO C 279 -32.18 1.52 9.42
C PRO C 279 -31.93 0.11 8.90
N LYS C 280 -31.67 0.00 7.60
CA LYS C 280 -31.41 -1.29 6.97
C LYS C 280 -30.58 -1.10 5.70
N VAL C 281 -30.02 -2.19 5.20
CA VAL C 281 -29.29 -2.18 3.94
C VAL C 281 -30.17 -2.73 2.81
N VAL C 282 -30.45 -1.91 1.80
CA VAL C 282 -31.32 -2.34 0.72
C VAL C 282 -30.58 -3.30 -0.23
N GLY C 283 -29.26 -3.18 -0.29
CA GLY C 283 -28.47 -4.04 -1.15
C GLY C 283 -27.01 -3.62 -1.22
N ILE C 284 -26.18 -4.51 -1.75
CA ILE C 284 -24.74 -4.27 -1.85
C ILE C 284 -24.24 -4.70 -3.23
N ASP C 285 -23.43 -3.85 -3.84
CA ASP C 285 -22.82 -4.15 -5.13
C ASP C 285 -21.31 -3.97 -5.07
N VAL C 286 -20.57 -5.06 -5.25
CA VAL C 286 -19.11 -4.99 -5.34
C VAL C 286 -18.67 -5.36 -6.75
N TYR C 287 -18.06 -4.42 -7.44
CA TYR C 287 -17.77 -4.58 -8.86
C TYR C 287 -16.50 -3.85 -9.29
N GLY C 288 -16.26 -3.83 -10.60
CA GLY C 288 -15.14 -3.09 -11.18
C GLY C 288 -13.89 -3.93 -11.29
N TYR C 289 -14.00 -5.19 -10.87
CA TYR C 289 -12.88 -6.12 -10.86
C TYR C 289 -12.76 -6.91 -12.16
N ASN C 290 -11.61 -6.78 -12.82
CA ASN C 290 -11.32 -7.49 -14.06
C ASN C 290 -10.04 -8.31 -13.92
N PRO C 291 -10.15 -9.64 -13.95
CA PRO C 291 -9.03 -10.56 -13.77
C PRO C 291 -7.91 -10.36 -14.78
N ASP C 292 -8.25 -9.83 -15.96
CA ASP C 292 -7.26 -9.56 -17.00
C ASP C 292 -6.31 -8.43 -16.62
N LEU C 293 -6.68 -7.66 -15.60
CA LEU C 293 -5.93 -6.47 -15.22
C LEU C 293 -5.23 -6.59 -13.88
N ASP C 294 -5.29 -7.78 -13.27
CA ASP C 294 -4.82 -7.92 -11.90
C ASP C 294 -3.31 -8.15 -11.81
N VAL C 295 -2.76 -7.83 -10.65
CA VAL C 295 -1.40 -8.23 -10.34
C VAL C 295 -1.47 -9.58 -9.62
N TYR C 296 -0.70 -10.55 -10.10
CA TYR C 296 -0.77 -11.90 -9.56
C TYR C 296 0.48 -12.31 -8.78
N ARG C 297 0.27 -13.01 -7.68
CA ARG C 297 1.34 -13.66 -6.96
C ARG C 297 1.88 -14.80 -7.82
N LYS C 298 3.00 -15.39 -7.39
CA LYS C 298 3.62 -16.46 -8.15
C LYS C 298 2.73 -17.71 -8.20
N ASP C 299 1.83 -17.85 -7.22
CA ASP C 299 0.90 -18.98 -7.23
C ASP C 299 -0.38 -18.64 -7.99
N ASN C 300 -0.33 -17.55 -8.76
CA ASN C 300 -1.41 -17.12 -9.63
C ASN C 300 -2.70 -16.75 -8.87
N VAL C 301 -2.53 -16.21 -7.66
CA VAL C 301 -3.64 -15.63 -6.93
C VAL C 301 -3.60 -14.11 -7.11
N GLY C 302 -4.74 -13.54 -7.46
CA GLY C 302 -4.82 -12.12 -7.76
C GLY C 302 -4.98 -11.22 -6.55
N LEU C 303 -4.23 -10.12 -6.55
CA LEU C 303 -4.22 -9.16 -5.45
C LEU C 303 -5.58 -8.54 -5.18
N THR C 304 -6.29 -8.16 -6.24
CA THR C 304 -7.58 -7.48 -6.11
C THR C 304 -8.66 -8.43 -5.56
N ALA C 305 -8.54 -9.72 -5.87
CA ALA C 305 -9.48 -10.70 -5.35
C ALA C 305 -9.32 -10.86 -3.84
N ILE C 306 -8.09 -10.73 -3.38
CA ILE C 306 -7.78 -10.78 -1.95
C ILE C 306 -8.44 -9.61 -1.23
N ALA C 307 -8.32 -8.42 -1.80
CA ALA C 307 -8.86 -7.22 -1.19
C ALA C 307 -10.39 -7.21 -1.18
N LEU C 308 -11.00 -7.58 -2.31
CA LEU C 308 -12.44 -7.52 -2.44
C LEU C 308 -13.16 -8.61 -1.64
N SER C 309 -12.53 -9.77 -1.52
CA SER C 309 -13.10 -10.86 -0.71
C SER C 309 -13.30 -10.38 0.73
N LYS C 310 -12.37 -9.56 1.19
CA LYS C 310 -12.45 -8.98 2.53
C LYS C 310 -13.55 -7.91 2.59
N ILE C 311 -13.62 -7.08 1.55
CA ILE C 311 -14.62 -6.02 1.47
C ILE C 311 -16.04 -6.60 1.46
N ILE C 312 -16.21 -7.68 0.70
CA ILE C 312 -17.49 -8.35 0.62
C ILE C 312 -17.91 -8.91 1.97
N LYS C 313 -16.96 -9.49 2.70
CA LYS C 313 -17.23 -10.10 3.99
C LYS C 313 -17.70 -9.06 5.01
N GLU C 314 -16.99 -7.95 5.11
CA GLU C 314 -17.32 -6.93 6.10
C GLU C 314 -18.53 -6.11 5.63
N GLY C 315 -18.82 -6.20 4.34
CA GLY C 315 -20.04 -5.59 3.80
C GLY C 315 -21.26 -6.36 4.25
N ILE C 316 -21.13 -7.69 4.26
CA ILE C 316 -22.20 -8.57 4.73
C ILE C 316 -22.48 -8.33 6.23
N LEU C 317 -21.41 -8.22 7.00
CA LEU C 317 -21.52 -7.90 8.42
C LEU C 317 -22.27 -6.59 8.65
N LYS C 318 -22.14 -5.67 7.71
CA LYS C 318 -22.81 -4.38 7.80
C LYS C 318 -24.33 -4.51 7.64
N ALA C 319 -24.76 -5.40 6.75
CA ALA C 319 -26.18 -5.62 6.52
C ALA C 319 -26.86 -6.15 7.77
N TYR C 320 -26.09 -6.80 8.64
CA TYR C 320 -26.62 -7.41 9.86
C TYR C 320 -26.54 -6.52 11.09
N SER C 321 -25.68 -5.49 11.05
CA SER C 321 -25.37 -4.74 12.27
C SER C 321 -25.68 -3.25 12.16
N ILE C 322 -26.12 -2.79 11.00
CA ILE C 322 -26.30 -1.36 10.77
C ILE C 322 -27.42 -0.78 11.64
N SER C 323 -27.18 0.43 12.15
CA SER C 323 -28.20 1.18 12.90
C SER C 323 -28.08 2.67 12.57
N THR C 324 -29.12 3.44 12.89
CA THR C 324 -29.14 4.87 12.58
C THR C 324 -28.24 5.64 13.55
N HIS C 325 -28.10 5.10 14.77
CA HIS C 325 -27.05 5.43 15.74
C HIS C 325 -27.42 4.82 17.09
C1 GOL D . 13.85 -12.22 -3.12
O1 GOL D . 12.66 -12.28 -3.88
C2 GOL D . 14.90 -13.14 -3.74
O2 GOL D . 14.31 -14.37 -4.09
C3 GOL D . 15.49 -12.45 -4.98
O3 GOL D . 16.66 -11.73 -4.62
C1 EDO E . 2.66 4.36 5.21
O1 EDO E . 1.66 4.15 6.22
C2 EDO E . 1.99 4.27 3.85
O2 EDO E . 2.62 3.24 3.09
C1 EDO F . -3.69 0.83 6.43
O1 EDO F . -3.87 2.07 5.74
C2 EDO F . -2.44 0.13 5.92
O2 EDO F . -2.39 0.27 4.49
C1 EDO G . 3.88 1.24 -18.84
O1 EDO G . 3.91 0.43 -17.67
C2 EDO G . 3.86 0.37 -20.08
O2 EDO G . 2.69 0.60 -20.86
C1 GOL H . -8.15 -15.15 -8.11
O1 GOL H . -7.09 -14.29 -8.37
C2 GOL H . -8.43 -15.91 -9.40
O2 GOL H . -7.78 -15.24 -10.44
C3 GOL H . -7.81 -17.29 -9.23
O3 GOL H . -8.09 -17.76 -7.93
C1 EDO I . -3.32 6.39 1.45
C1 EDO I . -3.47 6.34 1.68
O1 EDO I . -2.21 6.60 2.32
O1 EDO I . -2.15 6.58 2.18
C2 EDO I . -3.63 4.90 1.40
C2 EDO I . -3.62 4.86 1.39
O2 EDO I . -4.17 4.49 2.67
O2 EDO I . -2.90 4.52 0.19
#